data_7ZT7
#
_entry.id   7ZT7
#
_cell.length_a   91.460
_cell.length_b   104.420
_cell.length_c   117.570
_cell.angle_alpha   90.00
_cell.angle_beta   90.00
_cell.angle_gamma   90.00
#
_symmetry.space_group_name_H-M   'P 21 21 21'
#
loop_
_entity.id
_entity.type
_entity.pdbx_description
1 polymer 'Major histocompatibility complex class I-related gene protein'
2 polymer Beta-2-microglobulin
3 polymer 'TCR alpha'
4 polymer 'TCR beta'
5 non-polymer '2-hydroxy-5-methylbenzoic acid'
6 non-polymer 1,2-ETHANEDIOL
7 water water
#
loop_
_entity_poly.entity_id
_entity_poly.type
_entity_poly.pdbx_seq_one_letter_code
_entity_poly.pdbx_strand_id
1 'polypeptide(L)'
;MRTHSLRYFRLGVSDPIHGVPEFISVGYVDSHPITTYDSVTRQKEPRAPWMAENLAPDHWERYTQLLRGWQQMFKVELKR
LQRHYNHSGSHTYQRMIGCELLEDGSTTGFLQYAYDGQDFLIFNKDTLSWLAVDNVAHTIKQAWEANQHELLYQKNWLEE
ECIAWLKRFLEYGKDTLQRTEPPLVRVNRKETFPGVTALFCKAHGFYPPEIYMTWMKNGEEIVQEIDYGDILPSGDGTYQ
AWASIELDPQSSNLYSCHVEHSGVHMVLQVPGSGGGLNDIFEAQKIEWHE
;
A
2 'polypeptide(L)'
;MIQRTPKIQVYSRHPAENGKSNFLNCYVSGFHPSDIEVDLLKNGERIEKVEHSDLSFSKDWSFYLLYYTEFTPTEKDEYA
CRVNHVTLSQPKIVKWDRDM
;
B
3 'polypeptide(L)'
;MAGQNIDQPTEMTATEGAIVQINCTYQTSGFNGLFWYQQHAGEAPTFLSYNVLDGLEEKGRFSSFLSRSKGYSYLLLKEL
QMKDSASYLCAFLDSNYQLIWGAGTKLIIKPDIQNPDPAVYQLRDSKSSDKSVCLFTDFDSQTNVSQSKDSDVYITDKCV
LDMRSMDFKSNSAVAWSNKSDFACANAFNNSIIPEDTFFPSPESS
;
D
4 'polypeptide(L)'
;NAGVTQTPKFQVLKTGQSMTLQCAQDMNHNYMYWYRQDPGMGLRLIYYSASEGTTDKGEVPNGYNVSRSTTEDFPLRLLS
AAPSQTSVYFCASSNREYSPLHFGNGTRLTVTEDLNKVFPPEVAVFEPSEAEISHTQKATLVCLATGFYPDHVELSWWVN
GKEVHSGVCTDPQPLKEQPALNDSRYALSSRLRVSATFWQDPRNHFRCQVQFYGLSENDEWTQDRAKPVTQIVSAEAWGR
ADAAAGAAEQKLISEEDLNGAA
;
E
#
# COMPACT_ATOMS: atom_id res chain seq x y z
N MET A 1 18.55 27.57 -18.04
CA MET A 1 17.82 26.60 -17.16
C MET A 1 18.80 26.05 -16.12
N ARG A 2 18.29 25.53 -15.00
CA ARG A 2 19.13 24.96 -13.91
C ARG A 2 18.51 23.66 -13.38
N THR A 3 19.31 22.86 -12.68
CA THR A 3 18.88 21.61 -12.02
C THR A 3 17.87 21.96 -10.91
N HIS A 4 16.88 21.10 -10.74
CA HIS A 4 15.95 21.11 -9.58
C HIS A 4 15.95 19.73 -8.95
N SER A 5 15.63 19.63 -7.66
CA SER A 5 15.73 18.35 -6.91
C SER A 5 14.61 18.27 -5.87
N LEU A 6 14.13 17.06 -5.62
CA LEU A 6 13.17 16.73 -4.54
C LEU A 6 13.85 15.69 -3.66
N ARG A 7 13.95 15.94 -2.35
CA ARG A 7 14.61 15.05 -1.37
C ARG A 7 13.69 14.90 -0.16
N TYR A 8 13.61 13.70 0.42
CA TYR A 8 12.93 13.43 1.72
C TYR A 8 13.94 12.78 2.66
N PHE A 9 14.15 13.40 3.82
CA PHE A 9 15.06 12.89 4.89
C PHE A 9 14.18 12.35 6.00
N ARG A 10 14.72 11.35 6.69
CA ARG A 10 14.16 10.78 7.91
C ARG A 10 15.29 10.73 8.92
N LEU A 11 14.96 11.06 10.16
CA LEU A 11 15.86 10.88 11.31
C LEU A 11 15.07 10.10 12.37
N GLY A 12 15.60 8.95 12.75
CA GLY A 12 15.15 8.22 13.93
C GLY A 12 16.24 8.25 14.98
N VAL A 13 15.86 8.45 16.23
CA VAL A 13 16.73 8.42 17.42
C VAL A 13 16.09 7.43 18.40
N SER A 14 16.84 6.42 18.83
CA SER A 14 16.39 5.46 19.88
C SER A 14 16.58 6.12 21.25
N ASP A 15 15.68 5.88 22.21
CA ASP A 15 15.77 6.44 23.59
C ASP A 15 16.13 7.92 23.53
N PRO A 16 15.30 8.74 22.86
CA PRO A 16 15.57 10.16 22.76
C PRO A 16 15.46 10.89 24.11
N ILE A 17 16.23 11.96 24.26
CA ILE A 17 16.13 12.79 25.48
C ILE A 17 14.78 13.50 25.43
N HIS A 18 14.18 13.75 26.59
CA HIS A 18 12.89 14.50 26.64
C HIS A 18 12.92 15.58 25.57
N GLY A 19 11.82 15.74 24.84
CA GLY A 19 11.82 16.71 23.73
C GLY A 19 12.23 16.06 22.42
N VAL A 20 13.52 15.79 22.26
CA VAL A 20 14.04 15.14 21.01
C VAL A 20 13.00 14.17 20.45
N PRO A 21 12.34 14.46 19.32
CA PRO A 21 11.45 13.51 18.66
C PRO A 21 12.18 12.20 18.32
N GLU A 22 11.50 11.07 18.53
CA GLU A 22 11.95 9.74 18.09
C GLU A 22 12.12 9.74 16.57
N PHE A 23 11.31 10.53 15.87
CA PHE A 23 11.28 10.44 14.40
C PHE A 23 10.90 11.80 13.82
N ILE A 24 11.58 12.17 12.73
CA ILE A 24 11.36 13.41 11.94
C ILE A 24 11.45 13.06 10.46
N SER A 25 10.53 13.58 9.64
CA SER A 25 10.57 13.54 8.16
C SER A 25 10.48 14.98 7.66
N VAL A 26 11.39 15.37 6.78
CA VAL A 26 11.34 16.71 6.14
C VAL A 26 11.59 16.48 4.66
N GLY A 27 10.76 17.13 3.84
CA GLY A 27 10.97 17.17 2.38
C GLY A 27 11.53 18.51 1.96
N TYR A 28 12.38 18.51 0.92
CA TYR A 28 13.00 19.72 0.34
C TYR A 28 12.77 19.69 -1.18
N VAL A 29 12.42 20.85 -1.75
CA VAL A 29 12.68 21.16 -3.18
C VAL A 29 13.88 22.10 -3.21
N ASP A 30 14.96 21.69 -3.87
CA ASP A 30 16.24 22.45 -3.86
C ASP A 30 16.57 22.70 -2.40
N SER A 31 16.78 23.95 -1.97
CA SER A 31 17.24 24.26 -0.60
C SER A 31 16.04 24.53 0.33
N HIS A 32 14.82 24.62 -0.20
CA HIS A 32 13.59 25.01 0.53
C HIS A 32 12.92 23.82 1.23
N PRO A 33 12.60 23.89 2.53
CA PRO A 33 11.79 22.85 3.17
C PRO A 33 10.36 22.94 2.61
N ILE A 34 9.72 21.83 2.25
CA ILE A 34 8.32 21.83 1.71
C ILE A 34 7.37 21.10 2.67
N THR A 35 7.86 20.11 3.42
CA THR A 35 7.01 19.24 4.27
C THR A 35 7.74 18.89 5.56
N THR A 36 6.97 18.67 6.62
CA THR A 36 7.48 18.22 7.94
C THR A 36 6.46 17.28 8.59
N TYR A 37 7.01 16.29 9.28
CA TYR A 37 6.28 15.33 10.14
C TYR A 37 7.21 14.97 11.29
N ASP A 38 6.67 14.74 12.47
CA ASP A 38 7.48 14.15 13.55
C ASP A 38 6.58 13.36 14.48
N SER A 39 7.20 12.55 15.31
CA SER A 39 6.54 11.64 16.27
C SER A 39 5.79 12.42 17.36
N VAL A 40 6.01 13.74 17.51
CA VAL A 40 5.32 14.57 18.53
C VAL A 40 4.01 15.11 17.96
N THR A 41 4.04 15.77 16.80
CA THR A 41 2.81 16.32 16.16
C THR A 41 1.99 15.18 15.54
N ARG A 42 2.64 14.13 15.03
CA ARG A 42 2.00 12.99 14.30
C ARG A 42 1.12 13.56 13.18
N GLN A 43 1.53 14.70 12.61
CA GLN A 43 0.83 15.37 11.49
C GLN A 43 1.85 15.66 10.40
N LYS A 44 1.50 15.46 9.13
CA LYS A 44 2.32 15.92 7.99
C LYS A 44 1.83 17.33 7.67
N GLU A 45 2.73 18.31 7.62
CA GLU A 45 2.34 19.73 7.43
C GLU A 45 3.21 20.38 6.37
N PRO A 46 2.64 21.36 5.63
CA PRO A 46 3.43 22.15 4.67
C PRO A 46 4.44 23.04 5.42
N ARG A 47 5.60 23.28 4.80
CA ARG A 47 6.62 24.19 5.37
C ARG A 47 6.80 25.37 4.41
N ALA A 48 5.97 25.46 3.38
CA ALA A 48 6.01 26.55 2.38
C ALA A 48 4.58 26.97 2.09
N PRO A 49 4.30 28.28 2.00
CA PRO A 49 2.95 28.75 1.75
C PRO A 49 2.38 28.17 0.45
N TRP A 50 3.24 27.96 -0.55
CA TRP A 50 2.84 27.52 -1.93
C TRP A 50 2.53 26.02 -1.95
N MET A 51 3.04 25.26 -0.98
CA MET A 51 2.58 23.86 -0.73
C MET A 51 1.20 23.91 -0.06
N ALA A 52 1.01 24.77 0.95
CA ALA A 52 -0.28 24.90 1.68
C ALA A 52 -1.39 25.29 0.71
N GLU A 53 -1.13 26.22 -0.20
CA GLU A 53 -2.20 26.85 -1.04
C GLU A 53 -2.66 25.86 -2.10
N ASN A 54 -1.83 24.87 -2.45
CA ASN A 54 -2.03 24.05 -3.68
C ASN A 54 -2.39 22.59 -3.36
N LEU A 55 -2.18 22.13 -2.12
CA LEU A 55 -2.53 20.75 -1.70
C LEU A 55 -3.67 20.80 -0.66
N ALA A 56 -4.82 20.26 -1.04
CA ALA A 56 -6.03 20.23 -0.20
C ALA A 56 -5.79 19.40 1.06
N PRO A 57 -6.65 19.56 2.09
CA PRO A 57 -6.57 18.76 3.32
C PRO A 57 -6.36 17.24 3.14
N ASP A 58 -7.06 16.63 2.17
CA ASP A 58 -7.06 15.15 1.99
C ASP A 58 -5.65 14.69 1.62
N HIS A 59 -4.86 15.55 0.97
CA HIS A 59 -3.42 15.26 0.73
C HIS A 59 -2.70 15.09 2.08
N TRP A 60 -2.79 16.07 2.98
CA TRP A 60 -2.09 16.06 4.29
C TRP A 60 -2.64 14.93 5.18
N GLU A 61 -3.95 14.69 5.14
CA GLU A 61 -4.57 13.58 5.90
C GLU A 61 -3.94 12.26 5.48
N ARG A 62 -3.87 12.02 4.17
CA ARG A 62 -3.37 10.76 3.60
C ARG A 62 -1.89 10.60 3.96
N TYR A 63 -1.06 11.63 3.76
CA TYR A 63 0.39 11.50 4.04
C TYR A 63 0.62 11.44 5.56
N THR A 64 -0.29 12.02 6.33
CA THR A 64 -0.23 11.87 7.80
C THR A 64 -0.27 10.37 8.14
N GLN A 65 -1.20 9.63 7.53
CA GLN A 65 -1.37 8.17 7.78
C GLN A 65 -0.14 7.41 7.28
N LEU A 66 0.33 7.70 6.07
CA LEU A 66 1.53 7.04 5.53
C LEU A 66 2.72 7.27 6.47
N LEU A 67 2.89 8.50 6.98
CA LEU A 67 4.07 8.87 7.82
C LEU A 67 3.97 8.14 9.17
N ARG A 68 2.76 7.98 9.72
CA ARG A 68 2.59 7.20 10.97
C ARG A 68 3.06 5.76 10.75
N GLY A 69 2.75 5.17 9.59
CA GLY A 69 3.25 3.85 9.19
C GLY A 69 4.77 3.86 9.08
N TRP A 70 5.33 4.78 8.29
CA TRP A 70 6.81 4.87 8.11
C TRP A 70 7.50 5.12 9.46
N GLN A 71 6.90 5.92 10.33
CA GLN A 71 7.49 6.18 11.66
C GLN A 71 7.69 4.84 12.39
N GLN A 72 6.64 4.02 12.43
CA GLN A 72 6.62 2.71 13.14
C GLN A 72 7.66 1.76 12.51
N MET A 73 7.68 1.69 11.17
CA MET A 73 8.64 0.87 10.41
C MET A 73 10.07 1.28 10.78
N PHE A 74 10.33 2.60 10.82
CA PHE A 74 11.67 3.17 11.13
C PHE A 74 12.14 2.72 12.53
N LYS A 75 11.23 2.76 13.50
CA LYS A 75 11.52 2.38 14.91
C LYS A 75 11.97 0.91 14.97
N VAL A 76 11.30 0.05 14.20
CA VAL A 76 11.56 -1.42 14.16
C VAL A 76 12.92 -1.63 13.47
N GLU A 77 13.16 -0.93 12.36
CA GLU A 77 14.41 -1.09 11.57
C GLU A 77 15.62 -0.74 12.45
N LEU A 78 15.56 0.39 13.18
CA LEU A 78 16.68 0.84 14.07
C LEU A 78 16.90 -0.17 15.18
N LYS A 79 15.81 -0.64 15.79
CA LYS A 79 15.88 -1.59 16.92
C LYS A 79 16.60 -2.85 16.45
N ARG A 80 16.28 -3.30 15.25
CA ARG A 80 16.89 -4.51 14.63
C ARG A 80 18.39 -4.26 14.38
N LEU A 81 18.75 -3.12 13.79
CA LEU A 81 20.17 -2.74 13.54
C LEU A 81 20.94 -2.74 14.85
N GLN A 82 20.41 -2.07 15.89
CA GLN A 82 21.03 -2.04 17.25
C GLN A 82 21.24 -3.47 17.76
N ARG A 83 20.26 -4.37 17.58
CA ARG A 83 20.39 -5.80 17.97
C ARG A 83 21.55 -6.43 17.18
N HIS A 84 21.63 -6.22 15.86
CA HIS A 84 22.70 -6.80 14.99
C HIS A 84 24.09 -6.38 15.49
N TYR A 85 24.25 -5.10 15.81
CA TYR A 85 25.52 -4.50 16.30
C TYR A 85 25.71 -4.73 17.80
N ASN A 86 24.67 -5.18 18.51
CA ASN A 86 24.68 -5.35 19.98
C ASN A 86 24.97 -3.99 20.62
N HIS A 87 24.23 -2.96 20.21
CA HIS A 87 24.37 -1.56 20.72
C HIS A 87 23.21 -1.25 21.67
N SER A 88 23.54 -0.83 22.89
CA SER A 88 22.61 -0.24 23.88
C SER A 88 22.55 1.27 23.65
N GLY A 89 21.72 1.97 24.42
CA GLY A 89 21.69 3.44 24.46
C GLY A 89 21.14 3.99 23.16
N SER A 90 21.32 5.29 22.93
CA SER A 90 20.72 6.05 21.81
C SER A 90 21.64 5.98 20.58
N HIS A 91 21.09 5.60 19.45
CA HIS A 91 21.78 5.57 18.14
C HIS A 91 20.87 6.28 17.16
N THR A 92 21.39 6.74 16.02
CA THR A 92 20.56 7.43 14.99
C THR A 92 20.45 6.53 13.75
N TYR A 93 19.40 6.74 12.98
CA TYR A 93 19.14 6.02 11.72
C TYR A 93 18.57 7.07 10.78
N GLN A 94 19.11 7.18 9.57
CA GLN A 94 18.71 8.24 8.64
C GLN A 94 18.49 7.60 7.28
N ARG A 95 17.58 8.19 6.54
CA ARG A 95 17.28 7.79 5.16
C ARG A 95 17.17 9.08 4.39
N MET A 96 17.64 9.04 3.15
CA MET A 96 17.40 10.12 2.20
C MET A 96 17.03 9.50 0.86
N ILE A 97 15.97 10.01 0.24
CA ILE A 97 15.53 9.54 -1.09
C ILE A 97 15.21 10.80 -1.88
N GLY A 98 15.44 10.77 -3.19
CA GLY A 98 15.16 11.94 -4.02
C GLY A 98 15.56 11.70 -5.45
N CYS A 99 15.38 12.74 -6.25
CA CYS A 99 15.56 12.75 -7.71
C CYS A 99 15.96 14.16 -8.11
N GLU A 100 16.74 14.28 -9.19
CA GLU A 100 17.00 15.57 -9.86
C GLU A 100 16.40 15.54 -11.26
N LEU A 101 15.79 16.67 -11.65
CA LEU A 101 15.44 16.99 -13.06
C LEU A 101 16.41 18.04 -13.59
N LEU A 102 17.28 17.67 -14.54
CA LEU A 102 18.33 18.57 -15.08
C LEU A 102 17.77 19.42 -16.23
N GLU A 103 18.60 20.35 -16.72
CA GLU A 103 18.33 21.26 -17.87
C GLU A 103 17.85 20.44 -19.06
N ASP A 104 18.64 19.43 -19.46
CA ASP A 104 18.41 18.64 -20.71
C ASP A 104 17.09 17.85 -20.58
N GLY A 105 16.57 17.70 -19.36
CA GLY A 105 15.39 16.87 -19.08
C GLY A 105 15.79 15.48 -18.62
N SER A 106 17.10 15.19 -18.56
CA SER A 106 17.66 13.96 -17.98
C SER A 106 17.39 13.98 -16.47
N THR A 107 17.50 12.83 -15.81
CA THR A 107 17.08 12.65 -14.39
C THR A 107 18.12 11.83 -13.63
N THR A 108 18.13 11.97 -12.31
CA THR A 108 18.81 11.08 -11.36
C THR A 108 17.83 10.74 -10.23
N GLY A 109 18.10 9.63 -9.57
CA GLY A 109 17.31 9.16 -8.42
C GLY A 109 18.23 8.47 -7.47
N PHE A 110 18.01 8.63 -6.16
CA PHE A 110 18.95 8.09 -5.16
C PHE A 110 18.16 7.74 -3.90
N LEU A 111 18.72 6.81 -3.15
CA LEU A 111 18.12 6.31 -1.90
C LEU A 111 19.29 5.75 -1.11
N GLN A 112 19.48 6.22 0.11
CA GLN A 112 20.54 5.66 0.99
C GLN A 112 20.11 5.84 2.43
N TYR A 113 20.80 5.12 3.29
CA TYR A 113 20.57 5.06 4.74
C TYR A 113 21.90 5.29 5.42
N ALA A 114 21.86 5.90 6.59
CA ALA A 114 23.01 5.99 7.52
C ALA A 114 22.60 5.45 8.90
N TYR A 115 23.57 4.90 9.58
CA TYR A 115 23.55 4.55 11.03
C TYR A 115 24.64 5.35 11.75
N ASP A 116 24.28 6.03 12.84
CA ASP A 116 25.15 6.97 13.60
C ASP A 116 25.81 7.97 12.62
N GLY A 117 25.05 8.47 11.65
CA GLY A 117 25.48 9.51 10.70
C GLY A 117 26.53 9.04 9.68
N GLN A 118 26.81 7.73 9.57
CA GLN A 118 27.77 7.17 8.59
C GLN A 118 27.02 6.33 7.54
N ASP A 119 27.49 6.37 6.29
CA ASP A 119 26.93 5.57 5.16
C ASP A 119 26.73 4.13 5.61
N PHE A 120 25.54 3.58 5.40
CA PHE A 120 25.21 2.19 5.78
C PHE A 120 24.86 1.37 4.52
N LEU A 121 23.84 1.82 3.77
CA LEU A 121 23.29 1.15 2.55
C LEU A 121 23.00 2.20 1.47
N ILE A 122 23.51 2.00 0.26
CA ILE A 122 23.22 2.88 -0.91
C ILE A 122 22.56 2.06 -2.02
N PHE A 123 21.46 2.54 -2.55
CA PHE A 123 20.71 1.86 -3.63
C PHE A 123 21.33 2.20 -4.98
N ASN A 124 21.46 1.18 -5.82
CA ASN A 124 21.76 1.32 -7.27
C ASN A 124 20.50 0.87 -8.02
N LYS A 125 19.71 1.83 -8.50
CA LYS A 125 18.42 1.54 -9.18
C LYS A 125 18.65 1.00 -10.61
N ASP A 126 19.90 0.91 -11.10
CA ASP A 126 20.21 0.42 -12.47
C ASP A 126 20.61 -1.06 -12.39
N THR A 127 21.40 -1.45 -11.39
CA THR A 127 21.75 -2.86 -11.13
C THR A 127 20.74 -3.48 -10.13
N LEU A 128 19.76 -2.71 -9.64
CA LEU A 128 18.77 -3.16 -8.62
C LEU A 128 19.49 -3.89 -7.49
N SER A 129 20.51 -3.24 -6.93
CA SER A 129 21.36 -3.83 -5.86
C SER A 129 21.64 -2.76 -4.81
N TRP A 130 22.08 -3.22 -3.65
CA TRP A 130 22.46 -2.38 -2.50
C TRP A 130 23.95 -2.54 -2.21
N LEU A 131 24.65 -1.41 -2.05
CA LEU A 131 26.04 -1.36 -1.52
C LEU A 131 25.95 -1.34 0.01
N ALA A 132 26.59 -2.30 0.69
CA ALA A 132 26.63 -2.45 2.16
C ALA A 132 28.03 -2.12 2.68
N VAL A 133 28.16 -1.32 3.72
CA VAL A 133 29.50 -0.83 4.19
C VAL A 133 30.18 -1.92 5.01
N ASP A 134 29.42 -2.77 5.72
CA ASP A 134 29.96 -3.82 6.62
C ASP A 134 29.10 -5.09 6.55
N ASN A 135 29.41 -6.06 7.43
CA ASN A 135 28.73 -7.37 7.59
C ASN A 135 27.23 -7.18 7.92
N VAL A 136 26.88 -6.26 8.83
CA VAL A 136 25.47 -6.06 9.30
C VAL A 136 24.64 -5.48 8.14
N ALA A 137 25.21 -4.52 7.40
CA ALA A 137 24.55 -3.92 6.21
C ALA A 137 24.38 -5.01 5.14
N HIS A 138 25.38 -5.88 4.98
CA HIS A 138 25.33 -7.00 4.02
C HIS A 138 24.12 -7.90 4.35
N THR A 139 23.88 -8.17 5.64
CA THR A 139 22.73 -8.98 6.11
C THR A 139 21.42 -8.32 5.67
N ILE A 140 21.28 -7.01 5.82
CA ILE A 140 20.04 -6.28 5.44
C ILE A 140 19.93 -6.29 3.89
N LYS A 141 21.05 -6.00 3.22
CA LYS A 141 21.17 -6.06 1.74
C LYS A 141 20.56 -7.36 1.19
N GLN A 142 20.88 -8.51 1.80
CA GLN A 142 20.43 -9.85 1.33
C GLN A 142 18.90 -9.91 1.37
N ALA A 143 18.31 -9.59 2.53
CA ALA A 143 16.85 -9.58 2.73
C ALA A 143 16.16 -8.72 1.66
N TRP A 144 16.68 -7.52 1.40
CA TRP A 144 16.04 -6.53 0.48
C TRP A 144 16.16 -6.99 -0.97
N GLU A 145 17.32 -7.55 -1.33
CA GLU A 145 17.60 -8.05 -2.70
C GLU A 145 16.76 -9.29 -3.03
N ALA A 146 16.28 -10.04 -2.04
CA ALA A 146 15.47 -11.27 -2.26
C ALA A 146 14.05 -10.88 -2.66
N ASN A 147 13.66 -9.61 -2.49
CA ASN A 147 12.32 -9.10 -2.84
C ASN A 147 12.40 -8.30 -4.15
N GLN A 148 12.36 -9.00 -5.28
CA GLN A 148 12.49 -8.40 -6.64
C GLN A 148 11.39 -7.35 -6.83
N HIS A 149 10.16 -7.64 -6.41
CA HIS A 149 9.00 -6.71 -6.56
C HIS A 149 9.28 -5.37 -5.85
N GLU A 150 9.84 -5.39 -4.66
CA GLU A 150 10.15 -4.15 -3.90
C GLU A 150 11.24 -3.35 -4.60
N LEU A 151 12.30 -4.01 -5.08
CA LEU A 151 13.39 -3.31 -5.81
C LEU A 151 12.80 -2.61 -7.03
N LEU A 152 11.94 -3.31 -7.79
CA LEU A 152 11.34 -2.77 -9.04
C LEU A 152 10.42 -1.60 -8.68
N TYR A 153 9.65 -1.75 -7.61
CA TYR A 153 8.84 -0.67 -7.00
C TYR A 153 9.73 0.58 -6.75
N GLN A 154 10.89 0.40 -6.10
CA GLN A 154 11.81 1.50 -5.72
CA GLN A 154 11.81 1.51 -5.73
C GLN A 154 12.33 2.19 -7.00
N LYS A 155 12.77 1.40 -7.98
CA LYS A 155 13.31 1.93 -9.27
C LYS A 155 12.23 2.81 -9.89
N ASN A 156 10.99 2.31 -9.93
CA ASN A 156 9.87 3.03 -10.59
C ASN A 156 9.60 4.33 -9.83
N TRP A 157 9.62 4.28 -8.50
CA TRP A 157 9.29 5.44 -7.67
C TRP A 157 10.33 6.54 -7.95
N LEU A 158 11.62 6.18 -7.90
CA LEU A 158 12.72 7.13 -8.14
C LEU A 158 12.60 7.74 -9.54
N GLU A 159 12.27 6.95 -10.57
CA GLU A 159 12.42 7.37 -11.99
C GLU A 159 11.15 8.08 -12.46
N GLU A 160 9.97 7.67 -12.00
CA GLU A 160 8.68 8.19 -12.53
C GLU A 160 7.97 9.02 -11.46
N GLU A 161 7.68 8.43 -10.31
CA GLU A 161 6.86 9.10 -9.24
C GLU A 161 7.62 10.33 -8.72
N CYS A 162 8.87 10.14 -8.30
CA CYS A 162 9.65 11.22 -7.65
C CYS A 162 9.75 12.42 -8.60
N ILE A 163 9.92 12.17 -9.89
CA ILE A 163 10.06 13.25 -10.91
C ILE A 163 8.71 13.91 -11.11
N ALA A 164 7.61 13.15 -11.09
CA ALA A 164 6.26 13.74 -11.32
C ALA A 164 5.90 14.65 -10.14
N TRP A 165 6.29 14.28 -8.92
CA TRP A 165 6.07 15.08 -7.69
C TRP A 165 6.89 16.38 -7.80
N LEU A 166 8.17 16.25 -8.18
CA LEU A 166 9.11 17.40 -8.35
C LEU A 166 8.49 18.41 -9.30
N LYS A 167 8.02 17.98 -10.47
CA LYS A 167 7.45 18.88 -11.50
C LYS A 167 6.19 19.55 -10.95
N ARG A 168 5.32 18.80 -10.28
CA ARG A 168 4.08 19.34 -9.63
C ARG A 168 4.46 20.45 -8.63
N PHE A 169 5.40 20.18 -7.73
CA PHE A 169 5.87 21.16 -6.70
C PHE A 169 6.63 22.35 -7.33
N LEU A 170 7.42 22.14 -8.37
CA LEU A 170 8.15 23.24 -9.07
C LEU A 170 7.13 24.22 -9.62
N GLU A 171 6.06 23.73 -10.22
CA GLU A 171 4.97 24.58 -10.74
C GLU A 171 4.35 25.36 -9.57
N TYR A 172 4.03 24.67 -8.47
CA TYR A 172 3.36 25.29 -7.29
C TYR A 172 4.21 26.46 -6.80
N GLY A 173 5.52 26.25 -6.69
CA GLY A 173 6.49 27.17 -6.07
C GLY A 173 7.26 27.99 -7.09
N LYS A 174 6.74 28.13 -8.33
CA LYS A 174 7.50 28.64 -9.51
C LYS A 174 8.12 30.00 -9.18
N ASP A 175 7.37 30.88 -8.51
CA ASP A 175 7.77 32.28 -8.23
C ASP A 175 8.93 32.29 -7.24
N THR A 176 9.02 31.29 -6.36
CA THR A 176 10.14 31.18 -5.41
C THR A 176 11.28 30.38 -6.04
N LEU A 177 11.00 29.21 -6.64
CA LEU A 177 12.04 28.20 -6.96
C LEU A 177 12.76 28.57 -8.26
N GLN A 178 12.10 29.31 -9.15
CA GLN A 178 12.59 29.52 -10.53
C GLN A 178 12.93 31.00 -10.77
N ARG A 179 12.84 31.86 -9.74
CA ARG A 179 13.29 33.27 -9.79
C ARG A 179 14.83 33.35 -9.77
N THR A 180 15.34 34.52 -10.08
CA THR A 180 16.76 34.91 -9.95
C THR A 180 16.81 36.23 -9.19
N GLU A 181 17.62 36.28 -8.14
CA GLU A 181 18.07 37.55 -7.50
C GLU A 181 19.57 37.63 -7.78
N PRO A 182 20.00 38.54 -8.68
CA PRO A 182 21.40 38.63 -9.06
C PRO A 182 22.23 39.08 -7.85
N PRO A 183 23.51 38.67 -7.78
CA PRO A 183 24.38 39.05 -6.67
C PRO A 183 24.80 40.53 -6.80
N LEU A 184 24.99 41.17 -5.64
CA LEU A 184 25.73 42.45 -5.50
C LEU A 184 27.16 42.05 -5.13
N VAL A 185 28.12 42.29 -6.02
CA VAL A 185 29.52 41.78 -5.90
C VAL A 185 30.44 42.99 -5.77
N ARG A 186 31.37 42.96 -4.82
CA ARG A 186 32.36 44.06 -4.63
C ARG A 186 33.70 43.48 -4.23
N VAL A 187 34.74 44.26 -4.43
CA VAL A 187 36.15 43.85 -4.13
C VAL A 187 36.69 44.79 -3.05
N ASN A 188 37.14 44.22 -1.92
CA ASN A 188 37.75 44.92 -0.75
C ASN A 188 39.25 44.63 -0.74
N ARG A 189 40.08 45.68 -0.63
CA ARG A 189 41.50 45.57 -0.23
C ARG A 189 41.52 45.54 1.30
N LYS A 190 42.23 44.58 1.91
CA LYS A 190 42.53 44.57 3.36
C LYS A 190 44.02 44.29 3.56
N GLU A 191 44.73 45.17 4.25
CA GLU A 191 46.07 44.88 4.80
C GLU A 191 45.88 43.89 5.97
N THR A 192 46.17 42.61 5.75
CA THR A 192 45.93 41.51 6.71
C THR A 192 47.04 41.49 7.76
N PHE A 193 48.22 41.96 7.36
CA PHE A 193 49.45 42.08 8.18
C PHE A 193 50.25 43.23 7.59
N PRO A 194 51.20 43.87 8.33
CA PRO A 194 52.02 44.96 7.78
C PRO A 194 52.71 44.63 6.45
N GLY A 195 52.46 45.44 5.41
CA GLY A 195 53.06 45.32 4.07
C GLY A 195 52.45 44.20 3.22
N VAL A 196 51.44 43.50 3.75
CA VAL A 196 50.73 42.37 3.06
C VAL A 196 49.28 42.79 2.82
N THR A 197 48.86 42.91 1.56
CA THR A 197 47.45 43.18 1.19
C THR A 197 46.81 41.90 0.63
N ALA A 198 45.60 41.62 1.08
CA ALA A 198 44.73 40.55 0.55
C ALA A 198 43.55 41.21 -0.16
N LEU A 199 43.03 40.57 -1.21
CA LEU A 199 41.82 41.05 -1.94
C LEU A 199 40.68 40.11 -1.63
N PHE A 200 39.52 40.67 -1.25
CA PHE A 200 38.26 39.95 -0.96
C PHE A 200 37.22 40.29 -2.02
N CYS A 201 36.77 39.27 -2.75
CA CYS A 201 35.61 39.34 -3.65
C CYS A 201 34.39 38.85 -2.90
N LYS A 202 33.42 39.74 -2.63
CA LYS A 202 32.26 39.43 -1.75
C LYS A 202 30.95 39.59 -2.55
N ALA A 203 30.06 38.61 -2.44
CA ALA A 203 28.75 38.57 -3.12
C ALA A 203 27.66 38.40 -2.07
N HIS A 204 26.55 39.11 -2.22
CA HIS A 204 25.36 38.87 -1.38
C HIS A 204 24.09 39.18 -2.16
N GLY A 205 22.94 38.84 -1.57
CA GLY A 205 21.59 39.12 -2.08
C GLY A 205 21.20 38.18 -3.22
N PHE A 206 21.93 37.10 -3.43
CA PHE A 206 21.74 36.26 -4.65
C PHE A 206 20.87 35.05 -4.33
N TYR A 207 20.04 34.67 -5.30
CA TYR A 207 19.28 33.38 -5.33
C TYR A 207 19.18 32.95 -6.78
N PRO A 208 19.33 31.66 -7.15
CA PRO A 208 19.63 30.57 -6.21
C PRO A 208 20.99 30.58 -5.52
N PRO A 209 21.23 29.70 -4.51
CA PRO A 209 22.52 29.70 -3.81
C PRO A 209 23.74 29.23 -4.61
N GLU A 210 23.53 28.46 -5.69
CA GLU A 210 24.66 28.01 -6.55
C GLU A 210 25.29 29.23 -7.24
N ILE A 211 26.61 29.37 -7.07
CA ILE A 211 27.40 30.51 -7.58
C ILE A 211 28.84 30.03 -7.73
N TYR A 212 29.50 30.60 -8.75
CA TYR A 212 30.92 30.33 -9.00
C TYR A 212 31.70 31.64 -8.84
N MET A 213 32.68 31.66 -7.95
CA MET A 213 33.57 32.82 -7.68
C MET A 213 35.02 32.34 -7.69
N THR A 214 35.85 33.01 -8.49
CA THR A 214 37.30 32.69 -8.54
C THR A 214 38.09 33.98 -8.79
N TRP A 215 39.41 33.91 -8.60
CA TRP A 215 40.28 35.07 -8.87
C TRP A 215 41.19 34.69 -10.04
N MET A 216 41.46 35.62 -10.95
CA MET A 216 42.31 35.29 -12.12
C MET A 216 43.44 36.31 -12.24
N LYS A 217 44.56 35.90 -12.82
CA LYS A 217 45.72 36.81 -13.00
C LYS A 217 45.81 37.14 -14.49
N ASN A 218 45.83 38.43 -14.80
CA ASN A 218 45.93 38.85 -16.21
C ASN A 218 45.11 37.90 -17.10
N GLU A 221 44.51 33.50 -16.32
CA GLU A 221 45.01 32.33 -15.54
C GLU A 221 44.44 32.37 -14.12
N ILE A 222 44.02 31.22 -13.60
CA ILE A 222 43.36 31.20 -12.26
C ILE A 222 44.43 31.24 -11.17
N VAL A 223 44.26 32.11 -10.19
CA VAL A 223 45.28 32.26 -9.12
C VAL A 223 45.22 31.00 -8.25
N GLN A 224 46.37 30.65 -7.65
CA GLN A 224 46.41 29.46 -6.76
C GLN A 224 46.17 29.91 -5.33
N GLU A 225 46.04 28.97 -4.42
CA GLU A 225 45.74 29.28 -2.99
C GLU A 225 44.72 30.41 -2.95
N ILE A 226 43.48 30.06 -3.30
CA ILE A 226 42.35 31.01 -3.15
C ILE A 226 41.58 30.55 -1.92
N ASP A 227 41.32 31.43 -0.98
CA ASP A 227 40.53 31.18 0.25
C ASP A 227 39.07 31.39 -0.12
N TYR A 228 38.18 30.44 0.21
CA TYR A 228 36.73 30.48 -0.11
C TYR A 228 35.92 30.59 1.17
N GLY A 229 34.97 31.51 1.22
CA GLY A 229 33.89 31.53 2.22
C GLY A 229 32.75 30.63 1.79
N ASP A 230 32.12 29.92 2.73
CA ASP A 230 30.90 29.11 2.46
C ASP A 230 29.79 29.98 1.84
N ILE A 231 28.95 29.38 1.01
CA ILE A 231 27.67 29.98 0.55
C ILE A 231 26.72 29.88 1.74
N LEU A 232 26.41 31.01 2.39
CA LEU A 232 25.66 31.09 3.67
C LEU A 232 24.32 31.76 3.43
N PRO A 233 23.26 31.30 4.14
CA PRO A 233 21.94 31.91 4.02
C PRO A 233 21.97 33.24 4.79
N SER A 234 21.38 34.27 4.21
CA SER A 234 21.39 35.65 4.77
C SER A 234 20.16 35.85 5.68
N GLY A 235 19.17 34.95 5.58
CA GLY A 235 17.97 34.96 6.42
C GLY A 235 16.75 35.50 5.69
N ASP A 236 16.92 36.06 4.49
CA ASP A 236 15.81 36.69 3.72
C ASP A 236 15.46 35.87 2.48
N GLY A 237 15.93 34.62 2.40
CA GLY A 237 15.82 33.78 1.19
C GLY A 237 16.93 34.02 0.18
N THR A 238 17.92 34.88 0.49
CA THR A 238 19.10 35.10 -0.37
C THR A 238 20.35 34.56 0.32
N TYR A 239 21.47 34.53 -0.40
CA TYR A 239 22.75 33.94 0.09
C TYR A 239 23.91 34.92 -0.15
N GLN A 240 25.01 34.68 0.56
CA GLN A 240 26.25 35.48 0.50
C GLN A 240 27.46 34.54 0.46
N ALA A 241 28.56 34.96 -0.12
CA ALA A 241 29.81 34.16 -0.22
C ALA A 241 30.95 35.07 -0.62
N TRP A 242 32.18 34.59 -0.47
CA TRP A 242 33.41 35.34 -0.81
C TRP A 242 34.54 34.40 -1.21
N ALA A 243 35.58 34.98 -1.80
CA ALA A 243 36.81 34.33 -2.27
C ALA A 243 37.90 35.38 -2.12
N SER A 244 39.03 35.03 -1.49
CA SER A 244 40.16 35.97 -1.24
C SER A 244 41.48 35.38 -1.77
N ILE A 245 42.38 36.27 -2.13
CA ILE A 245 43.81 36.00 -2.45
C ILE A 245 44.66 36.97 -1.64
N GLU A 246 45.86 36.55 -1.29
CA GLU A 246 46.94 37.43 -0.76
C GLU A 246 47.87 37.81 -1.93
N LEU A 247 48.28 39.08 -1.97
CA LEU A 247 49.17 39.62 -3.02
C LEU A 247 50.63 39.41 -2.61
N ASP A 248 51.50 39.17 -3.59
CA ASP A 248 52.97 39.38 -3.52
C ASP A 248 53.23 40.88 -3.71
N PRO A 249 54.16 41.51 -2.96
CA PRO A 249 54.54 42.91 -3.20
C PRO A 249 54.75 43.29 -4.68
N SER A 252 53.53 42.16 -9.57
CA SER A 252 53.04 43.28 -10.43
C SER A 252 51.77 42.91 -11.22
N ASN A 253 51.38 41.63 -11.21
CA ASN A 253 50.26 41.13 -12.06
C ASN A 253 48.96 41.90 -11.84
N LEU A 254 48.03 41.75 -12.78
CA LEU A 254 46.69 42.38 -12.62
C LEU A 254 45.70 41.32 -12.17
N TYR A 255 44.93 41.60 -11.12
CA TYR A 255 44.03 40.58 -10.54
C TYR A 255 42.61 41.01 -10.83
N SER A 256 41.75 40.00 -11.04
CA SER A 256 40.32 40.21 -11.38
C SER A 256 39.45 39.11 -10.76
N CYS A 257 38.35 39.48 -10.10
CA CYS A 257 37.33 38.55 -9.56
C CYS A 257 36.35 38.19 -10.67
N HIS A 258 36.11 36.89 -10.88
CA HIS A 258 35.14 36.33 -11.86
C HIS A 258 34.01 35.65 -11.11
N VAL A 259 32.78 36.04 -11.41
CA VAL A 259 31.58 35.49 -10.75
C VAL A 259 30.59 35.04 -11.81
N GLU A 260 30.05 33.83 -11.65
CA GLU A 260 28.96 33.31 -12.50
C GLU A 260 27.76 32.93 -11.62
N HIS A 261 26.58 33.38 -12.02
CA HIS A 261 25.29 33.14 -11.33
C HIS A 261 24.19 33.09 -12.37
N SER A 262 23.36 32.04 -12.36
CA SER A 262 22.10 31.93 -13.16
C SER A 262 22.35 32.43 -14.60
N GLY A 263 23.42 31.99 -15.25
CA GLY A 263 23.69 32.33 -16.66
C GLY A 263 24.17 33.76 -16.87
N VAL A 264 24.70 34.42 -15.83
CA VAL A 264 25.32 35.78 -15.99
C VAL A 264 26.76 35.74 -15.47
N HIS A 265 27.70 36.25 -16.26
N HIS A 265 27.73 36.13 -16.30
CA HIS A 265 29.16 36.25 -15.99
CA HIS A 265 29.15 36.24 -15.89
C HIS A 265 29.58 37.70 -15.68
C HIS A 265 29.39 37.71 -15.53
N MET A 266 30.26 37.95 -14.55
CA MET A 266 30.76 39.32 -14.27
C MET A 266 32.22 39.27 -13.81
N VAL A 267 32.95 40.30 -14.22
CA VAL A 267 34.40 40.51 -13.96
C VAL A 267 34.53 41.85 -13.24
N LEU A 268 35.16 41.81 -12.07
CA LEU A 268 35.61 43.02 -11.34
C LEU A 268 37.14 43.07 -11.41
N GLN A 269 37.71 43.87 -12.29
CA GLN A 269 39.18 44.11 -12.31
C GLN A 269 39.48 45.17 -11.25
N VAL A 270 40.45 44.91 -10.37
CA VAL A 270 40.94 45.93 -9.38
C VAL A 270 42.22 46.54 -9.97
N PRO A 271 42.30 47.89 -10.10
CA PRO A 271 43.34 48.56 -10.90
C PRO A 271 44.77 48.48 -10.35
N MET B 1 31.89 4.99 16.86
CA MET B 1 30.82 5.99 16.57
C MET B 1 31.46 7.36 16.34
N ILE B 2 31.04 8.05 15.29
CA ILE B 2 31.69 9.33 14.89
C ILE B 2 30.72 10.46 15.19
N GLN B 3 31.08 11.29 16.17
CA GLN B 3 30.41 12.59 16.44
C GLN B 3 31.09 13.66 15.60
N ARG B 4 30.36 14.65 15.12
CA ARG B 4 30.89 15.86 14.43
C ARG B 4 30.47 17.12 15.20
N THR B 5 31.46 17.91 15.62
CA THR B 5 31.26 19.16 16.40
C THR B 5 30.76 20.21 15.42
N PRO B 6 29.89 21.14 15.83
CA PRO B 6 29.39 22.14 14.90
C PRO B 6 30.46 23.13 14.41
N LYS B 7 30.31 23.52 13.14
CA LYS B 7 30.88 24.74 12.53
C LYS B 7 29.96 25.89 12.90
N ILE B 8 30.51 27.00 13.40
CA ILE B 8 29.72 28.14 13.94
C ILE B 8 30.17 29.42 13.24
N GLN B 9 29.32 30.03 12.42
CA GLN B 9 29.71 31.21 11.62
C GLN B 9 28.72 32.33 11.93
N VAL B 10 29.23 33.52 12.29
CA VAL B 10 28.43 34.68 12.75
C VAL B 10 28.69 35.82 11.78
N TYR B 11 27.64 36.46 11.30
CA TYR B 11 27.71 37.44 10.20
C TYR B 11 26.39 38.20 10.14
N SER B 12 26.39 39.35 9.47
CA SER B 12 25.19 40.18 9.25
C SER B 12 24.59 39.87 7.87
N ARG B 13 23.27 39.89 7.78
CA ARG B 13 22.51 39.83 6.50
C ARG B 13 23.12 40.80 5.48
N HIS B 14 23.31 42.06 5.86
CA HIS B 14 23.89 43.11 4.98
C HIS B 14 25.22 43.60 5.53
N PRO B 15 26.06 44.24 4.70
CA PRO B 15 27.24 44.96 5.19
C PRO B 15 26.82 45.84 6.38
N ALA B 16 27.42 45.59 7.55
CA ALA B 16 27.13 46.30 8.81
C ALA B 16 27.48 47.78 8.67
N GLU B 17 26.67 48.67 9.25
CA GLU B 17 27.04 50.10 9.47
C GLU B 17 26.44 50.50 10.83
N ASN B 18 27.23 51.22 11.64
CA ASN B 18 26.80 51.73 12.97
C ASN B 18 25.53 52.56 12.77
N GLY B 19 24.48 52.27 13.53
CA GLY B 19 23.20 53.00 13.51
C GLY B 19 22.29 52.56 12.38
N LYS B 20 22.66 51.52 11.62
CA LYS B 20 21.84 50.99 10.50
C LYS B 20 21.32 49.59 10.86
N SER B 21 20.00 49.52 11.09
CA SER B 21 19.14 48.32 11.14
C SER B 21 19.72 47.19 10.27
N ASN B 22 19.94 46.02 10.85
CA ASN B 22 20.50 44.83 10.14
C ASN B 22 19.89 43.60 10.81
N PHE B 23 20.30 42.40 10.41
CA PHE B 23 20.00 41.13 11.12
C PHE B 23 21.33 40.43 11.40
N LEU B 24 21.45 39.86 12.59
CA LEU B 24 22.67 39.13 13.03
C LEU B 24 22.40 37.63 12.87
N ASN B 25 23.23 36.95 12.08
CA ASN B 25 23.02 35.51 11.75
C ASN B 25 24.04 34.68 12.51
N CYS B 26 23.59 33.57 13.07
CA CYS B 26 24.48 32.50 13.53
C CYS B 26 24.09 31.21 12.80
N TYR B 27 24.99 30.70 11.95
CA TYR B 27 24.78 29.49 11.14
C TYR B 27 25.64 28.38 11.73
N VAL B 28 24.96 27.34 12.23
CA VAL B 28 25.59 26.19 12.94
C VAL B 28 25.37 24.97 12.04
N SER B 29 26.44 24.31 11.61
CA SER B 29 26.36 23.31 10.52
C SER B 29 27.37 22.19 10.74
N GLY B 30 27.20 21.08 10.01
CA GLY B 30 28.16 19.97 9.92
C GLY B 30 28.21 19.17 11.20
N PHE B 31 27.20 19.29 12.06
CA PHE B 31 27.20 18.62 13.39
C PHE B 31 26.36 17.31 13.33
N HIS B 32 26.68 16.40 14.24
CA HIS B 32 26.04 15.09 14.45
C HIS B 32 26.48 14.62 15.83
N PRO B 33 25.58 14.19 16.74
CA PRO B 33 24.14 14.05 16.47
C PRO B 33 23.34 15.36 16.48
N SER B 34 22.02 15.29 16.35
CA SER B 34 21.13 16.46 16.06
C SER B 34 20.92 17.40 17.26
N ASP B 35 20.98 16.91 18.50
CA ASP B 35 20.69 17.73 19.71
C ASP B 35 21.70 18.89 19.80
N ILE B 36 21.19 20.12 19.86
CA ILE B 36 22.05 21.35 19.91
C ILE B 36 21.30 22.44 20.69
N GLU B 37 22.04 23.32 21.38
CA GLU B 37 21.52 24.55 22.01
C GLU B 37 22.31 25.75 21.48
N VAL B 38 21.60 26.79 21.01
CA VAL B 38 22.21 28.02 20.42
C VAL B 38 21.57 29.25 21.09
N ASP B 39 22.41 30.17 21.56
CA ASP B 39 22.04 31.52 22.05
C ASP B 39 22.82 32.58 21.27
N LEU B 40 22.14 33.66 20.88
CA LEU B 40 22.79 34.92 20.45
C LEU B 40 22.99 35.75 21.71
N LEU B 41 24.14 36.42 21.83
CA LEU B 41 24.52 37.27 22.98
C LEU B 41 24.77 38.71 22.51
N LYS B 42 24.41 39.66 23.38
CA LYS B 42 24.70 41.11 23.25
C LYS B 42 25.37 41.52 24.56
N ASN B 43 26.67 41.82 24.50
CA ASN B 43 27.54 42.14 25.67
C ASN B 43 27.44 40.99 26.68
N GLY B 44 27.52 39.74 26.19
CA GLY B 44 27.63 38.52 26.99
C GLY B 44 26.29 38.06 27.55
N GLU B 45 25.20 38.73 27.17
CA GLU B 45 23.84 38.50 27.74
C GLU B 45 22.94 37.90 26.66
N ARG B 46 22.08 36.97 27.08
CA ARG B 46 21.22 36.18 26.16
C ARG B 46 20.16 37.10 25.57
N ILE B 47 20.09 37.22 24.24
CA ILE B 47 19.03 38.00 23.53
C ILE B 47 17.73 37.19 23.56
N GLU B 48 16.60 37.86 23.84
CA GLU B 48 15.26 37.25 24.05
C GLU B 48 14.60 36.95 22.70
N LYS B 49 14.46 37.96 21.83
CA LYS B 49 13.76 37.87 20.52
C LYS B 49 14.71 37.24 19.50
N VAL B 50 14.88 35.91 19.56
CA VAL B 50 15.72 35.16 18.58
C VAL B 50 14.87 34.10 17.88
N GLU B 51 14.88 34.13 16.55
CA GLU B 51 14.25 33.11 15.67
C GLU B 51 15.33 32.21 15.08
N HIS B 52 14.91 30.99 14.72
CA HIS B 52 15.73 29.89 14.17
C HIS B 52 14.90 29.13 13.14
N SER B 53 15.56 28.60 12.12
CA SER B 53 15.01 27.63 11.14
C SER B 53 14.73 26.33 11.90
N ASP B 54 13.94 25.43 11.34
CA ASP B 54 13.83 24.05 11.86
C ASP B 54 15.18 23.37 11.62
N LEU B 55 15.46 22.32 12.39
CA LEU B 55 16.62 21.44 12.11
C LEU B 55 16.58 21.12 10.60
N SER B 56 17.75 21.16 9.98
CA SER B 56 17.88 20.94 8.53
C SER B 56 18.86 19.79 8.32
N PHE B 57 18.65 19.05 7.24
CA PHE B 57 19.39 17.82 6.90
C PHE B 57 20.30 18.04 5.68
N SER B 58 21.58 17.67 5.81
CA SER B 58 22.56 17.63 4.69
C SER B 58 22.71 16.20 4.19
N LYS B 59 23.10 16.04 2.93
CA LYS B 59 23.24 14.71 2.28
C LYS B 59 24.43 13.99 2.91
N ASP B 60 25.33 14.65 3.65
CA ASP B 60 26.47 13.95 4.33
C ASP B 60 26.00 13.49 5.70
N TRP B 61 24.69 13.61 5.97
CA TRP B 61 23.97 13.11 7.18
C TRP B 61 24.14 14.07 8.38
N SER B 62 24.97 15.11 8.29
CA SER B 62 25.08 16.15 9.36
C SER B 62 23.83 17.05 9.29
N PHE B 63 23.69 17.95 10.27
CA PHE B 63 22.53 18.88 10.41
C PHE B 63 23.02 20.33 10.38
N TYR B 64 22.13 21.26 10.06
CA TYR B 64 22.42 22.71 10.15
C TYR B 64 21.14 23.43 10.57
N LEU B 65 21.32 24.65 11.08
CA LEU B 65 20.30 25.53 11.69
C LEU B 65 20.75 26.96 11.40
N LEU B 66 19.84 27.90 11.16
CA LEU B 66 20.18 29.34 11.18
C LEU B 66 19.43 30.02 12.34
N TYR B 67 20.17 30.63 13.26
CA TYR B 67 19.65 31.55 14.30
C TYR B 67 19.96 33.01 13.94
N TYR B 68 18.95 33.89 14.05
CA TYR B 68 19.06 35.32 13.66
C TYR B 68 18.15 36.17 14.55
N THR B 69 18.53 37.44 14.71
CA THR B 69 17.79 38.47 15.48
C THR B 69 18.00 39.80 14.79
N GLU B 70 16.95 40.64 14.77
CA GLU B 70 17.07 42.04 14.31
C GLU B 70 17.97 42.78 15.31
N PHE B 71 18.87 43.62 14.81
CA PHE B 71 19.77 44.45 15.64
C PHE B 71 20.24 45.68 14.84
N THR B 72 20.69 46.69 15.58
CA THR B 72 21.41 47.87 15.03
C THR B 72 22.76 47.91 15.72
N PRO B 73 23.86 47.59 15.00
CA PRO B 73 25.18 47.56 15.61
C PRO B 73 25.70 48.98 15.90
N THR B 74 26.55 49.05 16.93
CA THR B 74 27.18 50.31 17.35
C THR B 74 28.68 50.09 17.30
N GLU B 75 29.46 50.84 18.09
CA GLU B 75 30.91 50.61 18.14
C GLU B 75 31.28 49.81 19.39
N LYS B 76 30.53 49.98 20.48
CA LYS B 76 30.91 49.31 21.75
C LYS B 76 29.99 48.13 22.09
N ASP B 77 29.06 47.79 21.19
CA ASP B 77 28.16 46.63 21.41
C ASP B 77 28.82 45.36 20.88
N GLU B 78 29.08 44.38 21.76
CA GLU B 78 29.68 43.07 21.42
C GLU B 78 28.54 42.07 21.17
N TYR B 79 28.49 41.47 19.99
CA TYR B 79 27.53 40.38 19.68
C TYR B 79 28.31 39.07 19.52
N ALA B 80 27.74 37.98 20.00
CA ALA B 80 28.36 36.64 19.86
C ALA B 80 27.26 35.58 19.67
N CYS B 81 27.70 34.36 19.41
CA CYS B 81 26.84 33.17 19.30
C CYS B 81 27.40 32.13 20.26
N ARG B 82 26.58 31.59 21.17
CA ARG B 82 27.01 30.56 22.17
C ARG B 82 26.31 29.26 21.78
N VAL B 83 27.09 28.19 21.60
CA VAL B 83 26.59 26.87 21.09
C VAL B 83 27.04 25.78 22.07
N ASN B 84 26.12 24.91 22.44
CA ASN B 84 26.45 23.67 23.19
C ASN B 84 25.96 22.48 22.37
N HIS B 85 26.64 21.36 22.53
CA HIS B 85 26.49 20.11 21.75
C HIS B 85 27.20 19.05 22.56
N VAL B 86 26.87 17.77 22.35
CA VAL B 86 27.49 16.67 23.14
C VAL B 86 29.02 16.73 22.95
N THR B 87 29.52 17.19 21.78
CA THR B 87 30.99 17.24 21.47
C THR B 87 31.71 18.34 22.26
N LEU B 88 30.98 19.24 22.91
CA LEU B 88 31.55 20.43 23.61
C LEU B 88 31.41 20.24 25.11
N SER B 89 32.52 20.18 25.85
CA SER B 89 32.53 20.05 27.32
C SER B 89 31.93 21.31 28.00
N GLN B 90 32.03 22.48 27.39
CA GLN B 90 31.35 23.73 27.81
C GLN B 90 30.81 24.43 26.58
N PRO B 91 29.77 25.29 26.70
CA PRO B 91 29.29 26.00 25.52
C PRO B 91 30.46 26.74 24.84
N LYS B 92 30.51 26.74 23.51
CA LYS B 92 31.49 27.49 22.68
C LYS B 92 30.89 28.85 22.32
N ILE B 93 31.65 29.94 22.53
CA ILE B 93 31.23 31.32 22.16
C ILE B 93 32.08 31.77 20.96
N VAL B 94 31.38 32.21 19.90
CA VAL B 94 31.99 32.81 18.68
C VAL B 94 31.53 34.27 18.63
N LYS B 95 32.47 35.22 18.71
CA LYS B 95 32.18 36.67 18.68
C LYS B 95 31.85 37.08 17.23
N TRP B 96 31.01 38.09 17.04
CA TRP B 96 30.78 38.62 15.66
C TRP B 96 31.96 39.50 15.25
N ASP B 97 32.45 39.37 14.02
CA ASP B 97 33.68 40.10 13.58
C ASP B 97 33.38 41.54 13.19
N ARG B 98 32.17 42.02 13.46
CA ARG B 98 31.79 43.39 13.04
C ARG B 98 32.19 43.57 11.58
N ASP B 99 32.24 42.48 10.82
CA ASP B 99 32.54 42.57 9.37
C ASP B 99 33.97 43.09 9.17
N MET B 100 34.89 42.70 10.04
CA MET B 100 36.32 43.09 9.87
C MET B 100 36.43 44.62 9.86
N GLY C 3 -5.36 7.90 -9.80
CA GLY C 3 -6.31 6.83 -9.40
C GLY C 3 -7.75 7.14 -9.81
N GLN C 4 -8.04 7.09 -11.12
CA GLN C 4 -9.37 7.37 -11.74
C GLN C 4 -10.15 6.06 -11.91
N ASN C 5 -9.79 5.24 -12.90
CA ASN C 5 -10.68 4.15 -13.38
C ASN C 5 -9.87 2.90 -13.73
N ILE C 6 -10.52 1.74 -13.60
CA ILE C 6 -9.97 0.40 -13.89
C ILE C 6 -11.11 -0.44 -14.49
N ASP C 7 -10.84 -1.19 -15.56
CA ASP C 7 -11.85 -2.02 -16.25
C ASP C 7 -11.28 -3.40 -16.55
N GLN C 8 -12.08 -4.45 -16.36
CA GLN C 8 -11.74 -5.83 -16.79
C GLN C 8 -13.05 -6.51 -17.15
N PRO C 9 -13.04 -7.51 -18.06
CA PRO C 9 -14.30 -8.09 -18.53
C PRO C 9 -14.99 -8.77 -17.33
N THR C 10 -16.31 -8.70 -17.27
CA THR C 10 -17.14 -9.37 -16.22
C THR C 10 -16.87 -10.87 -16.20
N GLU C 11 -16.86 -11.51 -17.36
CA GLU C 11 -16.78 -12.99 -17.41
C GLU C 11 -16.04 -13.45 -18.66
N MET C 12 -15.22 -14.49 -18.54
CA MET C 12 -14.66 -15.20 -19.70
C MET C 12 -14.85 -16.71 -19.55
N THR C 13 -15.04 -17.39 -20.68
CA THR C 13 -15.18 -18.86 -20.76
C THR C 13 -14.14 -19.40 -21.74
N ALA C 14 -13.37 -20.41 -21.32
CA ALA C 14 -12.35 -21.08 -22.15
C ALA C 14 -12.39 -22.59 -21.86
N THR C 15 -11.73 -23.38 -22.72
CA THR C 15 -11.72 -24.85 -22.61
C THR C 15 -10.47 -25.30 -21.86
N GLU C 16 -10.65 -26.27 -20.96
CA GLU C 16 -9.60 -27.12 -20.35
C GLU C 16 -8.50 -27.40 -21.38
N GLY C 17 -7.24 -27.15 -21.02
CA GLY C 17 -6.07 -27.47 -21.87
C GLY C 17 -5.66 -26.30 -22.74
N ALA C 18 -6.50 -25.28 -22.87
CA ALA C 18 -6.24 -24.13 -23.75
C ALA C 18 -5.68 -22.95 -22.94
N ILE C 19 -5.80 -21.74 -23.50
CA ILE C 19 -5.13 -20.51 -23.01
C ILE C 19 -6.19 -19.41 -22.90
N VAL C 20 -6.07 -18.56 -21.88
CA VAL C 20 -6.96 -17.39 -21.72
C VAL C 20 -6.07 -16.20 -21.30
N GLN C 21 -6.33 -15.06 -21.94
CA GLN C 21 -5.68 -13.76 -21.63
C GLN C 21 -6.77 -12.87 -21.01
N ILE C 22 -6.65 -12.57 -19.72
CA ILE C 22 -7.55 -11.61 -19.01
C ILE C 22 -6.95 -10.20 -19.06
N ASN C 23 -7.61 -9.29 -19.78
CA ASN C 23 -7.17 -7.88 -19.92
C ASN C 23 -7.74 -7.01 -18.81
N CYS C 24 -6.92 -6.04 -18.39
CA CYS C 24 -7.23 -4.99 -17.41
CA CYS C 24 -7.25 -4.99 -17.40
C CYS C 24 -6.65 -3.68 -17.90
N THR C 25 -7.50 -2.68 -18.11
CA THR C 25 -7.08 -1.30 -18.47
C THR C 25 -7.33 -0.37 -17.27
N TYR C 26 -6.52 0.66 -17.14
CA TYR C 26 -6.58 1.62 -16.02
C TYR C 26 -6.22 3.00 -16.53
N GLN C 27 -6.77 4.05 -15.93
CA GLN C 27 -6.36 5.45 -16.17
C GLN C 27 -6.02 6.06 -14.81
N THR C 28 -4.88 6.75 -14.74
CA THR C 28 -4.37 7.38 -13.50
C THR C 28 -3.31 8.39 -13.93
N SER C 29 -3.13 9.49 -13.21
CA SER C 29 -1.86 10.25 -13.21
C SER C 29 -1.16 9.89 -11.91
N GLY C 30 -0.21 8.98 -11.96
CA GLY C 30 0.42 8.41 -10.76
C GLY C 30 0.19 6.93 -10.65
N PHE C 31 1.25 6.18 -10.37
CA PHE C 31 1.24 4.70 -10.49
C PHE C 31 2.37 4.09 -9.67
N ASN C 32 2.02 3.16 -8.78
CA ASN C 32 2.99 2.44 -7.92
C ASN C 32 2.87 0.93 -8.11
N GLY C 33 2.20 0.49 -9.19
CA GLY C 33 2.18 -0.95 -9.57
C GLY C 33 0.78 -1.50 -9.75
N LEU C 34 0.68 -2.60 -10.52
CA LEU C 34 -0.60 -3.26 -10.81
C LEU C 34 -0.50 -4.73 -10.38
N PHE C 35 -1.56 -5.17 -9.71
CA PHE C 35 -1.64 -6.50 -9.04
C PHE C 35 -2.74 -7.33 -9.71
N TRP C 36 -2.55 -8.63 -9.73
CA TRP C 36 -3.65 -9.59 -9.97
C TRP C 36 -3.80 -10.44 -8.72
N TYR C 37 -5.03 -10.65 -8.29
CA TYR C 37 -5.39 -11.62 -7.23
C TYR C 37 -6.32 -12.66 -7.85
N GLN C 38 -6.22 -13.88 -7.35
CA GLN C 38 -7.16 -14.98 -7.64
C GLN C 38 -8.17 -15.10 -6.51
N GLN C 39 -9.47 -15.24 -6.79
CA GLN C 39 -10.46 -15.50 -5.74
C GLN C 39 -11.33 -16.67 -6.17
N HIS C 40 -11.17 -17.83 -5.55
CA HIS C 40 -12.07 -19.00 -5.72
C HIS C 40 -13.43 -18.68 -5.09
N ALA C 41 -14.49 -19.28 -5.60
CA ALA C 41 -15.88 -19.05 -5.12
C ALA C 41 -15.90 -19.35 -3.62
N GLY C 42 -16.43 -18.41 -2.84
CA GLY C 42 -16.55 -18.56 -1.37
C GLY C 42 -15.22 -18.43 -0.65
N GLU C 43 -14.12 -18.06 -1.32
CA GLU C 43 -12.79 -18.04 -0.69
C GLU C 43 -12.24 -16.60 -0.69
N ALA C 44 -11.13 -16.40 0.00
CA ALA C 44 -10.39 -15.12 0.09
C ALA C 44 -9.59 -14.91 -1.19
N PRO C 45 -9.47 -13.66 -1.70
CA PRO C 45 -8.52 -13.36 -2.76
C PRO C 45 -7.10 -13.72 -2.28
N THR C 46 -6.26 -14.24 -3.16
CA THR C 46 -4.83 -14.56 -2.89
C THR C 46 -3.99 -13.87 -3.95
N PHE C 47 -2.86 -13.36 -3.51
CA PHE C 47 -1.90 -12.64 -4.39
C PHE C 47 -1.48 -13.56 -5.55
N LEU C 48 -1.56 -13.09 -6.80
CA LEU C 48 -0.99 -13.82 -7.95
C LEU C 48 0.29 -13.10 -8.44
N SER C 49 0.18 -11.80 -8.76
CA SER C 49 1.21 -11.11 -9.58
C SER C 49 1.31 -9.63 -9.23
N TYR C 50 2.51 -9.07 -9.43
CA TYR C 50 2.84 -7.62 -9.33
C TYR C 50 3.72 -7.22 -10.52
N ASN C 51 3.26 -6.23 -11.27
CA ASN C 51 4.06 -5.56 -12.34
C ASN C 51 4.08 -4.06 -12.03
N VAL C 52 5.23 -3.39 -12.27
CA VAL C 52 5.33 -1.91 -12.16
C VAL C 52 6.15 -1.33 -13.34
N LEU C 53 7.20 -2.03 -13.79
CA LEU C 53 7.90 -1.67 -15.05
C LEU C 53 7.14 -2.30 -16.22
N ASP C 54 7.37 -1.80 -17.44
CA ASP C 54 6.93 -2.42 -18.71
C ASP C 54 7.46 -3.85 -18.78
N GLY C 55 6.61 -4.80 -19.18
CA GLY C 55 7.06 -6.13 -19.60
C GLY C 55 6.30 -7.25 -18.94
N LEU C 56 6.92 -8.43 -18.95
CA LEU C 56 6.25 -9.74 -18.78
C LEU C 56 6.96 -10.48 -17.66
N GLU C 57 6.22 -10.95 -16.66
CA GLU C 57 6.72 -11.91 -15.65
C GLU C 57 5.93 -13.21 -15.83
N GLU C 58 6.61 -14.34 -15.70
CA GLU C 58 6.04 -15.71 -15.81
C GLU C 58 6.43 -16.53 -14.58
N LYS C 59 5.47 -17.21 -13.98
CA LYS C 59 5.71 -18.27 -12.98
C LYS C 59 4.77 -19.44 -13.31
N GLY C 60 5.30 -20.59 -13.71
CA GLY C 60 4.48 -21.76 -14.06
C GLY C 60 3.57 -21.46 -15.22
N ARG C 61 2.28 -21.71 -15.06
CA ARG C 61 1.28 -21.62 -16.15
C ARG C 61 0.75 -20.19 -16.28
N PHE C 62 1.21 -19.25 -15.44
CA PHE C 62 0.66 -17.87 -15.33
C PHE C 62 1.73 -16.86 -15.78
N SER C 63 1.31 -15.86 -16.56
CA SER C 63 2.12 -14.69 -16.93
C SER C 63 1.31 -13.43 -16.69
N SER C 64 1.99 -12.34 -16.36
CA SER C 64 1.38 -11.00 -16.20
C SER C 64 2.21 -10.02 -17.00
N PHE C 65 1.54 -9.24 -17.84
CA PHE C 65 2.16 -8.24 -18.73
C PHE C 65 1.68 -6.85 -18.29
N LEU C 66 2.52 -5.84 -18.43
CA LEU C 66 2.14 -4.42 -18.20
C LEU C 66 2.71 -3.54 -19.31
N SER C 67 1.85 -2.77 -19.96
CA SER C 67 2.18 -1.59 -20.80
C SER C 67 1.77 -0.32 -20.04
N ARG C 68 2.76 0.40 -19.51
CA ARG C 68 2.60 1.72 -18.83
C ARG C 68 2.00 2.76 -19.78
N SER C 69 2.46 2.82 -21.02
CA SER C 69 2.08 3.88 -21.99
C SER C 69 0.63 3.65 -22.44
N LYS C 70 0.20 2.39 -22.54
CA LYS C 70 -1.17 2.02 -22.99
C LYS C 70 -2.14 1.91 -21.78
N GLY C 71 -1.63 1.87 -20.55
CA GLY C 71 -2.45 1.69 -19.34
C GLY C 71 -3.17 0.35 -19.39
N TYR C 72 -2.40 -0.72 -19.55
CA TYR C 72 -2.90 -2.03 -20.01
C TYR C 72 -2.09 -3.10 -19.27
N SER C 73 -2.79 -4.08 -18.68
CA SER C 73 -2.20 -5.33 -18.12
C SER C 73 -2.98 -6.52 -18.67
N TYR C 74 -2.33 -7.67 -18.77
CA TYR C 74 -3.03 -8.96 -19.00
C TYR C 74 -2.46 -9.97 -18.03
N LEU C 75 -3.34 -10.85 -17.56
CA LEU C 75 -3.00 -12.12 -16.91
C LEU C 75 -3.28 -13.24 -17.92
N LEU C 76 -2.22 -13.97 -18.26
CA LEU C 76 -2.20 -15.10 -19.24
C LEU C 76 -2.14 -16.41 -18.47
N LEU C 77 -3.17 -17.25 -18.60
CA LEU C 77 -3.19 -18.63 -18.05
C LEU C 77 -3.04 -19.62 -19.19
N LYS C 78 -2.02 -20.46 -19.12
CA LYS C 78 -1.77 -21.54 -20.12
C LYS C 78 -2.21 -22.87 -19.54
N GLU C 79 -2.47 -23.85 -20.41
CA GLU C 79 -2.77 -25.27 -20.07
C GLU C 79 -3.87 -25.29 -19.00
N LEU C 80 -4.99 -24.64 -19.30
CA LEU C 80 -6.06 -24.38 -18.32
C LEU C 80 -6.52 -25.69 -17.67
N GLN C 81 -6.74 -25.62 -16.36
CA GLN C 81 -7.26 -26.70 -15.50
C GLN C 81 -8.57 -26.24 -14.87
N MET C 82 -9.45 -27.19 -14.55
CA MET C 82 -10.76 -26.92 -13.91
C MET C 82 -10.53 -26.05 -12.65
N LYS C 83 -9.46 -26.30 -11.91
CA LYS C 83 -9.14 -25.57 -10.67
C LYS C 83 -8.80 -24.11 -10.97
N ASP C 84 -8.64 -23.70 -12.25
CA ASP C 84 -8.39 -22.28 -12.61
C ASP C 84 -9.72 -21.51 -12.59
N SER C 85 -10.84 -22.21 -12.50
CA SER C 85 -12.19 -21.60 -12.38
C SER C 85 -12.20 -20.74 -11.12
N ALA C 86 -12.46 -19.44 -11.27
CA ALA C 86 -12.21 -18.43 -10.22
C ALA C 86 -12.47 -17.03 -10.76
N SER C 87 -12.62 -16.06 -9.86
CA SER C 87 -12.61 -14.62 -10.20
C SER C 87 -11.16 -14.13 -10.15
N TYR C 88 -10.76 -13.35 -11.13
CA TYR C 88 -9.41 -12.72 -11.19
C TYR C 88 -9.60 -11.22 -11.07
N LEU C 89 -9.05 -10.68 -9.99
CA LEU C 89 -9.18 -9.25 -9.61
C LEU C 89 -7.89 -8.52 -10.00
N CYS C 90 -8.03 -7.50 -10.84
CA CYS C 90 -6.98 -6.53 -11.19
CA CYS C 90 -6.92 -6.57 -11.13
C CYS C 90 -7.05 -5.34 -10.21
N ALA C 91 -5.92 -4.84 -9.72
CA ALA C 91 -5.90 -3.66 -8.86
C ALA C 91 -4.61 -2.87 -9.10
N PHE C 92 -4.65 -1.54 -8.97
CA PHE C 92 -3.41 -0.74 -9.00
C PHE C 92 -3.35 0.27 -7.84
N LEU C 93 -2.10 0.61 -7.51
CA LEU C 93 -1.70 1.65 -6.54
C LEU C 93 -1.51 2.97 -7.29
N ASP C 94 -2.19 4.02 -6.82
CA ASP C 94 -1.99 5.38 -7.36
C ASP C 94 -0.81 6.05 -6.62
N SER C 95 -0.63 7.36 -6.81
CA SER C 95 0.56 8.10 -6.34
C SER C 95 0.57 8.12 -4.80
N ASN C 96 -0.59 7.92 -4.18
CA ASN C 96 -0.79 8.04 -2.73
C ASN C 96 -1.00 6.66 -2.11
N TYR C 97 -0.69 5.59 -2.85
CA TYR C 97 -0.81 4.17 -2.42
C TYR C 97 -2.29 3.81 -2.17
N GLN C 98 -3.22 4.54 -2.79
CA GLN C 98 -4.67 4.16 -2.81
C GLN C 98 -4.78 2.91 -3.70
N LEU C 99 -5.32 1.81 -3.16
CA LEU C 99 -5.41 0.52 -3.91
C LEU C 99 -6.79 0.49 -4.58
N ILE C 100 -6.84 0.61 -5.89
CA ILE C 100 -8.06 0.79 -6.72
C ILE C 100 -8.35 -0.55 -7.40
N TRP C 101 -9.50 -1.17 -7.09
CA TRP C 101 -9.84 -2.55 -7.44
C TRP C 101 -10.75 -2.59 -8.67
N GLY C 102 -10.43 -3.46 -9.64
CA GLY C 102 -11.40 -3.80 -10.70
C GLY C 102 -12.58 -4.59 -10.15
N ALA C 103 -13.69 -4.64 -10.87
CA ALA C 103 -14.92 -5.39 -10.53
C ALA C 103 -14.70 -6.91 -10.65
N GLY C 104 -13.54 -7.38 -11.11
CA GLY C 104 -13.19 -8.82 -11.17
C GLY C 104 -13.65 -9.47 -12.47
N THR C 105 -12.93 -10.48 -12.93
CA THR C 105 -13.33 -11.31 -14.12
C THR C 105 -13.62 -12.72 -13.61
N LYS C 106 -14.84 -13.19 -13.79
CA LYS C 106 -15.15 -14.61 -13.50
C LYS C 106 -14.69 -15.46 -14.69
N LEU C 107 -13.68 -16.32 -14.45
CA LEU C 107 -13.20 -17.30 -15.45
C LEU C 107 -13.94 -18.64 -15.28
N ILE C 108 -14.74 -19.02 -16.27
CA ILE C 108 -15.43 -20.34 -16.37
C ILE C 108 -14.61 -21.25 -17.30
N ILE C 109 -14.18 -22.41 -16.79
CA ILE C 109 -13.45 -23.44 -17.58
C ILE C 109 -14.43 -24.53 -17.99
N LYS C 110 -14.56 -24.74 -19.29
CA LYS C 110 -15.30 -25.89 -19.88
C LYS C 110 -14.42 -27.13 -19.84
N PRO C 111 -14.89 -28.24 -19.26
CA PRO C 111 -14.14 -29.49 -19.35
C PRO C 111 -14.09 -29.97 -20.80
N ASP C 112 -13.01 -30.64 -21.18
CA ASP C 112 -12.91 -31.31 -22.49
C ASP C 112 -13.61 -32.66 -22.41
N ILE C 113 -14.85 -32.79 -22.91
CA ILE C 113 -15.62 -34.07 -22.90
C ILE C 113 -15.31 -34.81 -24.20
N GLN C 114 -14.38 -35.76 -24.14
CA GLN C 114 -13.92 -36.61 -25.28
C GLN C 114 -15.09 -37.44 -25.84
N ASN C 115 -15.95 -37.97 -24.96
CA ASN C 115 -17.05 -38.88 -25.36
C ASN C 115 -18.34 -38.42 -24.71
N PRO C 116 -19.02 -37.37 -25.26
CA PRO C 116 -20.29 -36.89 -24.72
C PRO C 116 -21.35 -37.99 -24.78
N ASP C 117 -22.17 -38.12 -23.73
CA ASP C 117 -23.20 -39.19 -23.61
C ASP C 117 -24.43 -38.59 -22.94
N PRO C 118 -25.02 -37.53 -23.52
CA PRO C 118 -26.04 -36.73 -22.85
C PRO C 118 -27.27 -37.57 -22.50
N ALA C 119 -27.78 -37.47 -21.27
CA ALA C 119 -29.03 -38.15 -20.84
C ALA C 119 -29.69 -37.40 -19.66
N VAL C 120 -31.01 -37.53 -19.57
CA VAL C 120 -31.82 -37.06 -18.41
C VAL C 120 -32.25 -38.32 -17.65
N TYR C 121 -31.93 -38.37 -16.37
CA TYR C 121 -32.23 -39.49 -15.47
C TYR C 121 -33.15 -38.97 -14.36
N GLN C 122 -34.05 -39.82 -13.87
CA GLN C 122 -34.89 -39.52 -12.68
C GLN C 122 -34.27 -40.25 -11.48
N LEU C 123 -33.98 -39.53 -10.40
CA LEU C 123 -33.40 -40.14 -9.19
C LEU C 123 -34.54 -40.75 -8.36
N ARG C 124 -34.24 -41.73 -7.51
CA ARG C 124 -35.22 -42.32 -6.55
C ARG C 124 -35.64 -41.20 -5.57
N ASP C 125 -36.94 -40.97 -5.48
CA ASP C 125 -37.44 -39.94 -4.56
C ASP C 125 -37.05 -40.28 -3.12
N SER C 126 -37.10 -39.28 -2.23
CA SER C 126 -36.87 -39.55 -0.79
C SER C 126 -38.22 -39.83 -0.16
N LYS C 127 -38.28 -40.77 0.78
CA LYS C 127 -39.57 -41.09 1.48
C LYS C 127 -40.54 -39.93 1.34
N LYS C 131 -40.80 -35.07 -3.12
CA LYS C 131 -40.37 -34.36 -4.37
C LYS C 131 -39.83 -35.37 -5.41
N SER C 132 -39.80 -34.96 -6.69
CA SER C 132 -39.14 -35.66 -7.83
C SER C 132 -37.95 -34.83 -8.32
N VAL C 133 -36.75 -35.45 -8.36
CA VAL C 133 -35.49 -34.85 -8.85
C VAL C 133 -35.06 -35.46 -10.20
N CYS C 134 -34.67 -34.60 -11.13
CA CYS C 134 -34.15 -34.95 -12.49
C CYS C 134 -32.68 -34.52 -12.60
N LEU C 135 -31.87 -35.30 -13.32
CA LEU C 135 -30.43 -35.05 -13.55
C LEU C 135 -30.16 -35.08 -15.06
N PHE C 136 -29.81 -33.94 -15.65
CA PHE C 136 -29.21 -33.84 -17.01
C PHE C 136 -27.69 -33.95 -16.85
N THR C 137 -27.08 -35.00 -17.41
CA THR C 137 -25.64 -35.30 -17.21
C THR C 137 -24.98 -35.79 -18.50
N ASP C 138 -23.64 -35.69 -18.50
CA ASP C 138 -22.71 -36.32 -19.46
C ASP C 138 -22.84 -35.61 -20.82
N PHE C 139 -23.35 -34.38 -20.83
CA PHE C 139 -23.49 -33.59 -22.07
C PHE C 139 -22.17 -32.84 -22.33
N ASP C 140 -22.05 -32.35 -23.55
CA ASP C 140 -20.82 -31.70 -24.05
C ASP C 140 -20.85 -30.25 -23.51
N SER C 141 -19.66 -29.69 -23.28
CA SER C 141 -19.47 -28.40 -22.56
C SER C 141 -19.99 -27.22 -23.41
N GLN C 142 -20.35 -27.46 -24.67
CA GLN C 142 -20.94 -26.44 -25.57
C GLN C 142 -22.42 -26.23 -25.24
N THR C 143 -23.06 -27.18 -24.57
CA THR C 143 -24.48 -27.07 -24.13
C THR C 143 -24.58 -26.14 -22.91
N ASN C 144 -25.46 -25.13 -22.99
CA ASN C 144 -25.79 -24.24 -21.86
C ASN C 144 -27.19 -24.59 -21.36
N VAL C 145 -27.36 -24.64 -20.04
CA VAL C 145 -28.64 -25.02 -19.36
C VAL C 145 -29.43 -23.73 -19.09
N SER C 146 -30.53 -23.51 -19.80
CA SER C 146 -31.46 -22.38 -19.58
C SER C 146 -32.28 -22.63 -18.31
N GLN C 147 -32.56 -21.58 -17.53
CA GLN C 147 -33.53 -21.66 -16.40
C GLN C 147 -34.93 -21.89 -16.97
N SER C 148 -35.81 -22.50 -16.18
CA SER C 148 -37.19 -22.87 -16.58
C SER C 148 -38.04 -21.59 -16.73
N LYS C 149 -39.10 -21.67 -17.52
CA LYS C 149 -40.16 -20.64 -17.61
C LYS C 149 -41.10 -20.86 -16.41
N ASP C 150 -41.66 -22.07 -16.31
CA ASP C 150 -42.52 -22.53 -15.20
C ASP C 150 -41.85 -22.18 -13.86
N SER C 151 -42.52 -21.35 -13.05
CA SER C 151 -42.03 -20.80 -11.75
C SER C 151 -42.10 -21.85 -10.65
N ASP C 152 -42.77 -22.99 -10.89
CA ASP C 152 -42.86 -24.14 -9.96
C ASP C 152 -41.79 -25.18 -10.31
N VAL C 153 -40.94 -24.90 -11.31
CA VAL C 153 -39.87 -25.85 -11.78
C VAL C 153 -38.52 -25.16 -11.66
N TYR C 154 -37.65 -25.71 -10.81
CA TYR C 154 -36.31 -25.18 -10.47
C TYR C 154 -35.27 -25.95 -11.28
N ILE C 155 -34.29 -25.23 -11.80
CA ILE C 155 -33.15 -25.78 -12.60
C ILE C 155 -31.88 -25.07 -12.13
N THR C 156 -30.87 -25.84 -11.73
CA THR C 156 -29.57 -25.32 -11.28
C THR C 156 -28.75 -24.95 -12.52
N ASP C 157 -27.69 -24.17 -12.32
CA ASP C 157 -26.62 -24.00 -13.32
C ASP C 157 -25.91 -25.33 -13.56
N LYS C 158 -25.16 -25.37 -14.66
CA LYS C 158 -24.22 -26.45 -15.05
C LYS C 158 -23.15 -26.56 -13.95
N CYS C 159 -22.91 -27.78 -13.46
CA CYS C 159 -21.86 -28.10 -12.45
C CYS C 159 -20.91 -29.12 -13.07
N VAL C 160 -19.59 -28.95 -12.90
CA VAL C 160 -18.56 -29.86 -13.47
C VAL C 160 -18.00 -30.71 -12.33
N LEU C 161 -18.10 -32.02 -12.47
CA LEU C 161 -17.77 -33.02 -11.44
C LEU C 161 -16.54 -33.78 -11.93
N ASP C 162 -15.58 -34.07 -11.06
CA ASP C 162 -14.30 -34.74 -11.41
C ASP C 162 -14.23 -36.04 -10.59
N MET C 163 -14.56 -37.16 -11.23
CA MET C 163 -14.44 -38.50 -10.61
C MET C 163 -13.01 -38.98 -10.79
N ARG C 164 -12.09 -38.49 -9.99
CA ARG C 164 -10.66 -38.92 -10.05
C ARG C 164 -10.57 -40.45 -9.99
N SER C 165 -11.56 -41.11 -9.36
CA SER C 165 -11.66 -42.59 -9.19
C SER C 165 -11.85 -43.32 -10.53
N MET C 166 -12.30 -42.63 -11.59
CA MET C 166 -12.47 -43.22 -12.95
C MET C 166 -11.89 -42.28 -14.01
N ASP C 167 -10.88 -41.47 -13.62
CA ASP C 167 -10.33 -40.32 -14.37
C ASP C 167 -11.34 -39.86 -15.43
N PHE C 168 -12.47 -39.31 -14.95
CA PHE C 168 -13.65 -38.97 -15.78
C PHE C 168 -14.19 -37.63 -15.29
N LYS C 169 -14.49 -36.70 -16.20
CA LYS C 169 -15.20 -35.43 -15.91
C LYS C 169 -16.59 -35.46 -16.56
N SER C 170 -17.57 -34.81 -15.94
CA SER C 170 -18.94 -34.69 -16.48
C SER C 170 -19.57 -33.39 -16.02
N ASN C 171 -20.30 -32.79 -16.95
CA ASN C 171 -21.27 -31.70 -16.72
C ASN C 171 -22.56 -32.32 -16.18
N SER C 172 -23.27 -31.60 -15.31
CA SER C 172 -24.67 -31.91 -14.94
C SER C 172 -25.44 -30.65 -14.55
N ALA C 173 -26.76 -30.76 -14.63
CA ALA C 173 -27.70 -29.80 -14.05
C ALA C 173 -28.83 -30.62 -13.41
N VAL C 174 -29.37 -30.10 -12.31
CA VAL C 174 -30.47 -30.73 -11.53
C VAL C 174 -31.73 -29.90 -11.72
N ALA C 175 -32.87 -30.56 -11.86
CA ALA C 175 -34.20 -29.95 -11.96
C ALA C 175 -35.13 -30.65 -10.96
N TRP C 176 -35.99 -29.89 -10.28
CA TRP C 176 -36.99 -30.47 -9.35
C TRP C 176 -38.27 -29.63 -9.41
N SER C 177 -39.36 -30.22 -8.93
CA SER C 177 -40.70 -29.58 -8.92
C SER C 177 -41.60 -30.32 -7.94
N ASN C 178 -42.54 -29.59 -7.35
CA ASN C 178 -43.59 -30.10 -6.42
C ASN C 178 -44.75 -30.71 -7.22
N LYS C 179 -44.86 -30.34 -8.51
CA LYS C 179 -46.02 -30.64 -9.40
C LYS C 179 -46.25 -32.15 -9.46
N SER C 180 -47.51 -32.58 -9.51
CA SER C 180 -47.89 -33.98 -9.83
C SER C 180 -47.99 -34.12 -11.35
N ASP C 181 -47.89 -33.00 -12.08
CA ASP C 181 -47.72 -32.95 -13.56
C ASP C 181 -46.35 -32.36 -13.85
N PHE C 182 -45.33 -33.22 -13.93
CA PHE C 182 -43.93 -32.80 -14.20
C PHE C 182 -43.10 -34.03 -14.56
N ALA C 183 -42.57 -34.04 -15.77
CA ALA C 183 -41.83 -35.18 -16.35
C ALA C 183 -40.36 -34.77 -16.47
N CYS C 184 -39.46 -35.66 -16.06
CA CYS C 184 -38.00 -35.42 -16.10
C CYS C 184 -37.56 -35.33 -17.56
N ALA C 185 -38.15 -36.17 -18.42
CA ALA C 185 -37.72 -36.38 -19.82
C ALA C 185 -37.67 -35.04 -20.58
N ASN C 186 -38.60 -34.12 -20.28
CA ASN C 186 -38.79 -32.85 -21.05
C ASN C 186 -38.30 -31.63 -20.28
N ALA C 187 -37.89 -31.80 -19.02
CA ALA C 187 -37.71 -30.70 -18.05
C ALA C 187 -36.63 -29.70 -18.49
N PHE C 188 -35.60 -30.15 -19.21
CA PHE C 188 -34.43 -29.31 -19.58
C PHE C 188 -34.54 -28.74 -21.00
N ASN C 189 -35.71 -28.90 -21.65
CA ASN C 189 -36.10 -28.42 -23.02
C ASN C 189 -36.13 -29.63 -23.98
N ASN D 1 3.09 -19.12 10.71
CA ASN D 1 2.05 -18.06 10.96
C ASN D 1 0.74 -18.43 10.28
N ALA D 2 -0.37 -18.29 11.02
CA ALA D 2 -1.76 -18.59 10.59
C ALA D 2 -2.22 -17.65 9.45
N GLY D 3 -1.53 -16.51 9.24
CA GLY D 3 -2.00 -15.44 8.33
C GLY D 3 -3.08 -14.58 8.98
N VAL D 4 -4.19 -14.31 8.29
CA VAL D 4 -5.28 -13.45 8.82
C VAL D 4 -6.43 -14.34 9.31
N THR D 5 -6.83 -14.20 10.58
CA THR D 5 -8.01 -14.90 11.17
C THR D 5 -9.18 -13.91 11.30
N GLN D 6 -10.26 -14.17 10.58
CA GLN D 6 -11.46 -13.29 10.57
C GLN D 6 -12.65 -14.12 11.08
N THR D 7 -13.41 -13.64 12.06
CA THR D 7 -14.64 -14.29 12.55
C THR D 7 -15.73 -13.25 12.77
N PRO D 8 -17.02 -13.66 12.71
CA PRO D 8 -17.40 -15.01 12.30
C PRO D 8 -17.44 -15.12 10.77
N LYS D 9 -17.65 -16.34 10.27
CA LYS D 9 -17.69 -16.60 8.82
C LYS D 9 -19.07 -16.22 8.29
N PHE D 10 -20.11 -16.36 9.10
CA PHE D 10 -21.53 -16.04 8.74
C PHE D 10 -22.21 -15.35 9.91
N GLN D 11 -23.09 -14.40 9.61
CA GLN D 11 -23.90 -13.70 10.62
C GLN D 11 -25.18 -13.20 9.98
N VAL D 12 -26.31 -13.47 10.63
CA VAL D 12 -27.59 -12.77 10.32
C VAL D 12 -27.83 -11.77 11.44
N LEU D 13 -28.35 -10.58 11.09
CA LEU D 13 -28.67 -9.50 12.05
C LEU D 13 -30.07 -8.97 11.72
N LYS D 14 -30.78 -8.53 12.74
CA LYS D 14 -32.00 -7.72 12.61
C LYS D 14 -31.57 -6.27 12.40
N THR D 15 -32.27 -5.54 11.54
CA THR D 15 -32.17 -4.08 11.42
C THR D 15 -32.05 -3.50 12.83
N GLY D 16 -31.01 -2.73 13.10
CA GLY D 16 -30.86 -1.99 14.38
C GLY D 16 -29.81 -2.62 15.27
N GLN D 17 -29.45 -3.88 15.05
CA GLN D 17 -28.45 -4.57 15.91
C GLN D 17 -27.04 -4.05 15.60
N SER D 18 -26.17 -4.06 16.60
CA SER D 18 -24.72 -3.83 16.42
C SER D 18 -23.99 -5.16 16.43
N MET D 19 -22.78 -5.17 15.94
CA MET D 19 -22.04 -6.41 15.60
C MET D 19 -20.58 -6.01 15.51
N THR D 20 -19.68 -6.83 16.04
CA THR D 20 -18.22 -6.69 15.87
C THR D 20 -17.69 -7.87 15.06
N LEU D 21 -17.06 -7.58 13.91
CA LEU D 21 -16.29 -8.59 13.14
C LEU D 21 -14.86 -8.53 13.67
N GLN D 22 -14.33 -9.66 14.10
CA GLN D 22 -12.96 -9.73 14.64
C GLN D 22 -12.03 -9.98 13.47
N CYS D 23 -10.86 -9.38 13.51
CA CYS D 23 -9.76 -9.72 12.59
C CYS D 23 -8.42 -9.60 13.29
N ALA D 24 -7.56 -10.62 13.16
CA ALA D 24 -6.23 -10.68 13.80
C ALA D 24 -5.20 -11.24 12.81
N GLN D 25 -3.95 -10.75 12.86
CA GLN D 25 -2.85 -11.37 12.10
C GLN D 25 -1.61 -11.42 12.97
N ASP D 26 -0.86 -12.49 12.79
CA ASP D 26 0.37 -12.84 13.55
C ASP D 26 1.58 -12.61 12.64
N MET D 27 1.45 -11.78 11.58
CA MET D 27 2.57 -11.59 10.61
C MET D 27 3.35 -10.29 10.86
N ASN D 28 3.04 -9.55 11.93
CA ASN D 28 3.63 -8.24 12.24
C ASN D 28 3.41 -7.23 11.12
N HIS D 29 2.31 -7.35 10.39
CA HIS D 29 1.98 -6.40 9.31
C HIS D 29 1.58 -5.06 9.93
N ASN D 30 2.09 -3.96 9.35
CA ASN D 30 1.69 -2.58 9.73
C ASN D 30 0.28 -2.29 9.23
N TYR D 31 -0.05 -2.65 7.98
CA TYR D 31 -1.33 -2.26 7.36
C TYR D 31 -2.39 -3.32 7.62
N MET D 32 -3.59 -2.89 8.03
CA MET D 32 -4.79 -3.75 8.03
C MET D 32 -5.93 -2.97 7.38
N TYR D 33 -6.87 -3.69 6.77
CA TYR D 33 -7.91 -3.16 5.86
C TYR D 33 -9.24 -3.86 6.15
N TRP D 34 -10.36 -3.15 5.98
CA TRP D 34 -11.70 -3.76 5.89
C TRP D 34 -12.30 -3.36 4.55
N TYR D 35 -12.74 -4.38 3.79
CA TYR D 35 -13.44 -4.24 2.49
C TYR D 35 -14.81 -4.87 2.59
N ARG D 36 -15.76 -4.35 1.81
CA ARG D 36 -17.00 -5.07 1.47
C ARG D 36 -16.95 -5.40 -0.03
N GLN D 37 -17.39 -6.61 -0.35
CA GLN D 37 -17.51 -7.12 -1.74
C GLN D 37 -19.00 -7.31 -2.05
N ASP D 38 -19.48 -6.60 -3.06
CA ASP D 38 -20.87 -6.63 -3.54
C ASP D 38 -20.85 -6.95 -5.04
N PRO D 39 -21.85 -7.72 -5.51
CA PRO D 39 -21.92 -8.13 -6.91
C PRO D 39 -21.77 -6.93 -7.84
N GLY D 40 -20.99 -7.09 -8.92
CA GLY D 40 -20.86 -6.09 -9.99
C GLY D 40 -19.98 -4.92 -9.60
N MET D 41 -19.25 -5.01 -8.49
CA MET D 41 -18.25 -3.95 -8.21
C MET D 41 -16.99 -4.52 -7.54
N GLY D 42 -15.95 -3.72 -7.64
CA GLY D 42 -14.66 -4.01 -6.99
C GLY D 42 -14.82 -3.91 -5.50
N LEU D 43 -13.95 -4.60 -4.77
CA LEU D 43 -13.78 -4.41 -3.32
C LEU D 43 -13.85 -2.91 -3.00
N ARG D 44 -14.59 -2.55 -1.96
CA ARG D 44 -14.69 -1.16 -1.47
C ARG D 44 -14.13 -1.10 -0.05
N LEU D 45 -13.13 -0.23 0.12
CA LEU D 45 -12.48 0.01 1.42
C LEU D 45 -13.46 0.76 2.34
N ILE D 46 -13.67 0.18 3.51
CA ILE D 46 -14.49 0.77 4.59
C ILE D 46 -13.55 1.62 5.46
N TYR D 47 -12.55 1.00 6.07
CA TYR D 47 -11.52 1.63 6.93
C TYR D 47 -10.18 0.91 6.72
N TYR D 48 -9.08 1.57 7.05
CA TYR D 48 -7.72 0.98 7.07
C TYR D 48 -6.98 1.55 8.27
N SER D 49 -5.85 0.92 8.59
CA SER D 49 -4.93 1.31 9.68
C SER D 49 -3.49 1.12 9.18
N ALA D 50 -2.69 2.19 9.16
CA ALA D 50 -1.31 2.20 8.64
C ALA D 50 -0.35 1.63 9.69
N SER D 51 -0.85 1.48 10.93
CA SER D 51 -0.02 1.14 12.12
C SER D 51 -0.90 1.02 13.36
N GLU D 52 -0.39 0.29 14.35
CA GLU D 52 -0.92 0.30 15.73
C GLU D 52 -1.15 1.76 16.15
N GLY D 53 -2.32 2.11 16.68
CA GLY D 53 -2.57 3.46 17.23
C GLY D 53 -3.00 4.49 16.19
N THR D 54 -3.22 4.13 14.92
CA THR D 54 -3.88 5.02 13.95
C THR D 54 -4.88 4.24 13.07
N THR D 55 -5.92 4.93 12.60
CA THR D 55 -6.96 4.40 11.68
C THR D 55 -7.43 5.56 10.82
N ASP D 56 -8.00 5.26 9.66
CA ASP D 56 -8.55 6.29 8.74
C ASP D 56 -9.65 5.68 7.88
N LYS D 57 -10.59 6.52 7.44
CA LYS D 57 -11.73 6.18 6.55
C LYS D 57 -11.22 5.65 5.20
N GLY D 58 -11.89 4.64 4.67
CA GLY D 58 -11.81 4.23 3.27
C GLY D 58 -12.78 5.02 2.42
N GLU D 59 -13.37 4.38 1.42
CA GLU D 59 -14.31 4.99 0.44
C GLU D 59 -15.74 4.92 0.99
N VAL D 60 -16.09 3.95 1.84
CA VAL D 60 -17.49 3.79 2.34
C VAL D 60 -17.50 3.56 3.85
N PRO D 61 -16.93 4.48 4.65
CA PRO D 61 -16.85 4.27 6.10
C PRO D 61 -18.20 4.38 6.84
N ASN D 62 -19.23 5.01 6.24
CA ASN D 62 -20.46 5.36 6.99
C ASN D 62 -21.18 4.09 7.46
N GLY D 63 -21.66 4.08 8.72
CA GLY D 63 -22.35 2.95 9.37
C GLY D 63 -21.37 2.04 10.11
N TYR D 64 -20.06 2.28 10.00
CA TYR D 64 -19.03 1.38 10.58
C TYR D 64 -18.04 2.19 11.44
N ASN D 65 -17.36 1.54 12.37
CA ASN D 65 -16.14 2.08 13.02
C ASN D 65 -15.14 0.94 13.21
N VAL D 66 -13.89 1.28 13.51
CA VAL D 66 -12.77 0.33 13.76
C VAL D 66 -11.94 0.81 14.93
N SER D 67 -11.04 -0.02 15.44
CA SER D 67 -9.96 0.43 16.35
C SER D 67 -8.70 -0.38 16.04
N ARG D 68 -7.53 0.19 16.33
CA ARG D 68 -6.24 -0.52 16.17
C ARG D 68 -5.37 -0.20 17.40
N SER D 69 -5.72 -0.72 18.57
CA SER D 69 -4.95 -0.48 19.80
C SER D 69 -3.77 -1.45 19.84
N THR D 70 -3.77 -2.51 19.02
CA THR D 70 -2.61 -3.45 18.88
C THR D 70 -2.25 -3.64 17.40
N THR D 71 -1.03 -4.11 17.13
CA THR D 71 -0.58 -4.51 15.78
C THR D 71 -1.47 -5.64 15.24
N GLU D 72 -1.85 -6.58 16.10
CA GLU D 72 -2.47 -7.87 15.73
C GLU D 72 -3.92 -7.65 15.27
N ASP D 73 -4.69 -6.79 15.94
CA ASP D 73 -6.18 -6.81 15.87
C ASP D 73 -6.72 -5.55 15.16
N PHE D 74 -7.74 -5.73 14.34
CA PHE D 74 -8.46 -4.64 13.63
C PHE D 74 -9.96 -4.96 13.63
N PRO D 75 -10.66 -4.83 14.77
CA PRO D 75 -12.08 -5.12 14.83
C PRO D 75 -12.90 -4.11 14.03
N LEU D 76 -13.89 -4.58 13.29
CA LEU D 76 -14.86 -3.73 12.57
C LEU D 76 -16.18 -3.82 13.33
N ARG D 77 -16.77 -2.67 13.60
CA ARG D 77 -18.03 -2.53 14.38
C ARG D 77 -19.12 -2.02 13.40
N LEU D 78 -20.23 -2.73 13.27
CA LEU D 78 -21.44 -2.23 12.57
C LEU D 78 -22.27 -1.53 13.64
N LEU D 79 -22.55 -0.24 13.46
CA LEU D 79 -23.11 0.59 14.56
C LEU D 79 -24.61 0.27 14.70
N SER D 80 -25.31 0.10 13.58
CA SER D 80 -26.78 -0.06 13.53
C SER D 80 -27.14 -0.76 12.22
N ALA D 81 -27.26 -2.09 12.28
CA ALA D 81 -27.38 -2.97 11.10
C ALA D 81 -28.47 -2.42 10.20
N ALA D 82 -28.19 -2.20 8.92
CA ALA D 82 -29.19 -1.85 7.88
C ALA D 82 -29.10 -2.83 6.71
N PRO D 83 -30.20 -3.05 5.97
CA PRO D 83 -30.23 -3.96 4.82
C PRO D 83 -29.13 -3.68 3.78
N SER D 84 -28.75 -2.41 3.60
CA SER D 84 -27.71 -1.98 2.63
C SER D 84 -26.36 -2.57 3.05
N GLN D 85 -26.23 -2.99 4.30
CA GLN D 85 -24.97 -3.61 4.82
C GLN D 85 -24.91 -5.12 4.56
N THR D 86 -25.95 -5.75 4.00
CA THR D 86 -25.89 -7.15 3.50
C THR D 86 -24.74 -7.22 2.49
N SER D 87 -23.72 -8.01 2.75
CA SER D 87 -22.50 -8.03 1.90
C SER D 87 -21.63 -9.16 2.36
N VAL D 88 -20.51 -9.35 1.68
CA VAL D 88 -19.36 -10.13 2.19
C VAL D 88 -18.24 -9.16 2.58
N TYR D 89 -17.76 -9.27 3.81
CA TYR D 89 -16.71 -8.43 4.40
C TYR D 89 -15.42 -9.24 4.44
N PHE D 90 -14.32 -8.66 3.98
CA PHE D 90 -12.95 -9.22 4.06
C PHE D 90 -12.03 -8.29 4.83
N CYS D 91 -11.39 -8.85 5.82
CA CYS D 91 -10.25 -8.30 6.55
C CYS D 91 -8.98 -8.60 5.74
N ALA D 92 -8.04 -7.67 5.68
CA ALA D 92 -6.73 -7.93 5.05
C ALA D 92 -5.60 -7.23 5.81
N SER D 93 -4.39 -7.72 5.58
CA SER D 93 -3.16 -7.10 6.11
C SER D 93 -2.13 -7.08 4.99
N SER D 94 -1.21 -6.12 5.06
CA SER D 94 -0.02 -6.06 4.18
C SER D 94 1.16 -5.54 5.01
N ASN D 95 2.36 -6.01 4.71
CA ASN D 95 3.57 -5.55 5.41
C ASN D 95 3.65 -4.02 5.28
N ARG D 96 3.38 -3.48 4.10
CA ARG D 96 3.53 -2.03 3.79
C ARG D 96 2.40 -1.54 2.89
N GLU D 97 2.30 -0.22 2.68
CA GLU D 97 1.27 0.41 1.82
C GLU D 97 1.35 -0.13 0.38
N TYR D 98 2.49 -0.69 -0.06
CA TYR D 98 2.67 -1.12 -1.48
C TYR D 98 2.87 -2.64 -1.60
N SER D 99 2.83 -3.42 -0.52
CA SER D 99 3.10 -4.88 -0.59
C SER D 99 1.79 -5.65 -0.71
N PRO D 100 1.88 -6.95 -1.06
CA PRO D 100 0.68 -7.74 -1.31
C PRO D 100 -0.24 -7.88 -0.08
N LEU D 101 -1.55 -7.80 -0.31
CA LEU D 101 -2.53 -8.03 0.77
C LEU D 101 -2.70 -9.53 1.00
N HIS D 102 -2.77 -9.91 2.28
CA HIS D 102 -3.24 -11.23 2.79
C HIS D 102 -4.64 -11.04 3.36
N PHE D 103 -5.58 -11.85 2.92
CA PHE D 103 -7.01 -11.70 3.24
C PHE D 103 -7.42 -12.76 4.26
N GLY D 104 -8.36 -12.41 5.12
CA GLY D 104 -9.11 -13.36 5.96
C GLY D 104 -10.12 -14.09 5.11
N ASN D 105 -10.83 -15.07 5.68
CA ASN D 105 -11.72 -15.96 4.89
C ASN D 105 -13.08 -15.30 4.69
N GLY D 106 -13.27 -14.11 5.26
CA GLY D 106 -14.48 -13.35 4.96
C GLY D 106 -15.59 -13.61 5.95
N THR D 107 -16.60 -12.73 5.91
CA THR D 107 -17.81 -12.79 6.76
C THR D 107 -18.99 -12.52 5.83
N ARG D 108 -19.86 -13.51 5.57
CA ARG D 108 -21.12 -13.30 4.80
CA ARG D 108 -21.11 -13.26 4.80
C ARG D 108 -22.15 -12.80 5.81
N LEU D 109 -22.72 -11.62 5.55
CA LEU D 109 -23.57 -10.95 6.54
C LEU D 109 -24.88 -10.58 5.86
N THR D 110 -25.99 -10.94 6.49
CA THR D 110 -27.34 -10.59 5.98
C THR D 110 -28.07 -9.86 7.08
N VAL D 111 -28.70 -8.74 6.72
CA VAL D 111 -29.50 -7.89 7.64
C VAL D 111 -30.92 -7.96 7.15
N THR D 112 -31.85 -8.40 8.02
CA THR D 112 -33.28 -8.55 7.71
C THR D 112 -34.08 -7.64 8.65
N GLU D 113 -35.18 -7.06 8.17
CA GLU D 113 -36.09 -6.23 8.98
C GLU D 113 -36.69 -7.12 10.08
N ASP D 114 -36.75 -8.45 9.87
CA ASP D 114 -37.61 -9.38 10.65
C ASP D 114 -37.00 -10.78 10.73
N LEU D 115 -36.60 -11.19 11.94
CA LEU D 115 -35.99 -12.52 12.20
C LEU D 115 -37.03 -13.66 11.98
N ASN D 116 -38.33 -13.36 11.89
CA ASN D 116 -39.34 -14.38 11.48
C ASN D 116 -39.09 -14.83 10.03
N LYS D 117 -38.24 -14.13 9.27
CA LYS D 117 -37.89 -14.50 7.87
C LYS D 117 -36.81 -15.59 7.84
N VAL D 118 -36.19 -15.91 8.98
CA VAL D 118 -35.07 -16.89 9.09
C VAL D 118 -35.65 -18.31 9.15
N PHE D 119 -35.15 -19.21 8.31
CA PHE D 119 -35.60 -20.61 8.22
C PHE D 119 -34.41 -21.50 7.97
N PRO D 120 -34.30 -22.64 8.70
CA PRO D 120 -33.24 -23.62 8.44
C PRO D 120 -33.59 -24.40 7.17
N PRO D 121 -32.62 -25.06 6.52
CA PRO D 121 -32.92 -25.90 5.36
C PRO D 121 -33.63 -27.20 5.78
N GLU D 122 -34.51 -27.66 4.91
CA GLU D 122 -34.86 -29.10 4.79
C GLU D 122 -33.85 -29.73 3.83
N VAL D 123 -33.38 -30.94 4.15
CA VAL D 123 -32.31 -31.66 3.42
C VAL D 123 -32.84 -33.05 3.06
N ALA D 124 -32.67 -33.46 1.81
CA ALA D 124 -33.11 -34.76 1.28
C ALA D 124 -32.06 -35.29 0.28
N VAL D 125 -31.76 -36.59 0.37
CA VAL D 125 -30.85 -37.33 -0.56
C VAL D 125 -31.70 -38.18 -1.48
N PHE D 126 -31.46 -38.04 -2.78
CA PHE D 126 -32.14 -38.77 -3.87
C PHE D 126 -31.16 -39.80 -4.42
N GLU D 127 -31.57 -41.07 -4.36
CA GLU D 127 -30.71 -42.23 -4.71
C GLU D 127 -30.55 -42.29 -6.23
N PRO D 128 -29.45 -42.91 -6.72
CA PRO D 128 -29.12 -42.90 -8.14
C PRO D 128 -30.20 -43.54 -9.02
N SER D 129 -30.27 -43.09 -10.27
CA SER D 129 -31.14 -43.63 -11.32
C SER D 129 -30.64 -45.03 -11.71
N GLU D 130 -31.52 -46.03 -11.72
CA GLU D 130 -31.20 -47.40 -12.22
C GLU D 130 -30.79 -47.34 -13.71
N ALA D 131 -31.33 -46.39 -14.49
CA ALA D 131 -31.01 -46.19 -15.92
C ALA D 131 -29.58 -45.64 -16.05
N GLU D 132 -29.18 -44.72 -15.16
CA GLU D 132 -27.79 -44.21 -15.14
C GLU D 132 -26.88 -45.41 -14.83
N ILE D 133 -27.18 -46.15 -13.77
CA ILE D 133 -26.35 -47.32 -13.32
C ILE D 133 -26.15 -48.26 -14.52
N SER D 134 -27.21 -48.63 -15.22
CA SER D 134 -27.14 -49.64 -16.31
C SER D 134 -26.40 -49.05 -17.53
N HIS D 135 -26.64 -47.79 -17.86
CA HIS D 135 -26.08 -47.18 -19.10
C HIS D 135 -24.59 -46.82 -18.92
N THR D 136 -24.17 -46.38 -17.74
CA THR D 136 -22.84 -45.72 -17.50
C THR D 136 -21.95 -46.47 -16.51
N GLN D 137 -22.48 -47.41 -15.70
CA GLN D 137 -21.80 -48.09 -14.56
CA GLN D 137 -21.70 -48.08 -14.62
C GLN D 137 -21.30 -47.02 -13.57
N LYS D 138 -22.02 -45.89 -13.51
CA LYS D 138 -21.80 -44.81 -12.51
C LYS D 138 -23.16 -44.50 -11.86
N ALA D 139 -23.13 -43.90 -10.67
CA ALA D 139 -24.32 -43.64 -9.83
C ALA D 139 -24.16 -42.27 -9.17
N THR D 140 -25.00 -41.32 -9.58
CA THR D 140 -25.05 -39.93 -9.09
C THR D 140 -26.11 -39.86 -7.99
N LEU D 141 -25.68 -39.60 -6.75
CA LEU D 141 -26.57 -39.17 -5.65
C LEU D 141 -26.78 -37.66 -5.80
N VAL D 142 -28.00 -37.17 -5.54
CA VAL D 142 -28.25 -35.72 -5.42
C VAL D 142 -28.69 -35.41 -3.98
N CYS D 143 -28.14 -34.34 -3.41
CA CYS D 143 -28.60 -33.71 -2.15
C CYS D 143 -29.26 -32.35 -2.45
N LEU D 144 -30.47 -32.16 -1.92
CA LEU D 144 -31.27 -30.91 -2.06
C LEU D 144 -31.45 -30.29 -0.67
N ALA D 145 -30.99 -29.05 -0.49
CA ALA D 145 -31.25 -28.22 0.69
C ALA D 145 -32.23 -27.14 0.26
N THR D 146 -33.43 -27.06 0.86
CA THR D 146 -34.52 -26.16 0.37
C THR D 146 -35.07 -25.31 1.53
N GLY D 147 -35.65 -24.16 1.20
CA GLY D 147 -36.48 -23.33 2.10
C GLY D 147 -35.66 -22.58 3.16
N PHE D 148 -34.36 -22.37 2.96
CA PHE D 148 -33.51 -21.73 4.01
C PHE D 148 -33.33 -20.23 3.72
N TYR D 149 -33.20 -19.46 4.79
CA TYR D 149 -32.92 -18.01 4.80
C TYR D 149 -32.27 -17.67 6.12
N PRO D 150 -31.12 -16.98 6.12
CA PRO D 150 -30.51 -16.45 4.88
C PRO D 150 -29.69 -17.50 4.11
N ASP D 151 -28.97 -17.11 3.07
CA ASP D 151 -28.22 -18.07 2.21
C ASP D 151 -26.84 -18.28 2.83
N HIS D 152 -26.84 -18.81 4.05
CA HIS D 152 -25.64 -19.03 4.92
C HIS D 152 -25.59 -20.52 5.25
N VAL D 153 -25.10 -21.31 4.30
CA VAL D 153 -24.96 -22.80 4.41
C VAL D 153 -23.61 -23.28 3.86
N GLU D 154 -23.12 -24.40 4.41
CA GLU D 154 -22.00 -25.23 3.91
C GLU D 154 -22.52 -26.67 3.79
N LEU D 155 -22.53 -27.19 2.57
CA LEU D 155 -22.99 -28.58 2.24
C LEU D 155 -21.75 -29.46 2.13
N SER D 156 -21.64 -30.52 2.94
CA SER D 156 -20.58 -31.55 2.84
C SER D 156 -21.18 -32.95 2.60
N TRP D 157 -20.41 -33.81 1.95
CA TRP D 157 -20.75 -35.24 1.74
C TRP D 157 -19.88 -36.10 2.66
N TRP D 158 -20.50 -37.07 3.32
CA TRP D 158 -19.83 -38.02 4.24
C TRP D 158 -20.13 -39.43 3.75
N VAL D 159 -19.08 -40.23 3.53
CA VAL D 159 -19.17 -41.68 3.20
C VAL D 159 -18.56 -42.45 4.36
N ASN D 160 -19.38 -43.32 4.98
CA ASN D 160 -19.04 -44.16 6.17
C ASN D 160 -18.61 -43.26 7.33
N GLY D 161 -19.15 -42.04 7.39
CA GLY D 161 -18.86 -41.03 8.43
C GLY D 161 -17.53 -40.30 8.23
N LYS D 162 -16.87 -40.39 7.06
CA LYS D 162 -15.69 -39.55 6.66
C LYS D 162 -16.09 -38.59 5.52
N GLU D 163 -15.70 -37.31 5.62
CA GLU D 163 -16.02 -36.33 4.54
C GLU D 163 -15.31 -36.77 3.26
N VAL D 164 -15.94 -36.58 2.07
CA VAL D 164 -15.34 -36.87 0.72
C VAL D 164 -15.40 -35.61 -0.13
N HIS D 165 -14.49 -35.49 -1.11
CA HIS D 165 -14.41 -34.36 -2.08
C HIS D 165 -14.45 -34.87 -3.52
N SER D 166 -13.81 -36.01 -3.81
CA SER D 166 -13.76 -36.56 -5.18
C SER D 166 -15.18 -36.90 -5.60
N GLY D 167 -15.54 -36.56 -6.83
CA GLY D 167 -16.85 -36.83 -7.43
C GLY D 167 -17.97 -35.94 -6.90
N VAL D 168 -17.65 -34.89 -6.13
CA VAL D 168 -18.66 -33.93 -5.61
C VAL D 168 -18.69 -32.70 -6.52
N CYS D 169 -19.89 -32.19 -6.84
CA CYS D 169 -20.08 -30.84 -7.40
C CYS D 169 -21.31 -30.19 -6.71
N THR D 170 -21.09 -29.08 -6.01
CA THR D 170 -22.14 -28.33 -5.28
C THR D 170 -22.41 -27.05 -6.05
N ASP D 171 -23.68 -26.63 -6.21
CA ASP D 171 -23.99 -25.33 -6.84
C ASP D 171 -23.15 -24.27 -6.14
N PRO D 172 -22.47 -23.33 -6.86
CA PRO D 172 -21.67 -22.31 -6.17
C PRO D 172 -22.53 -21.27 -5.45
N GLN D 173 -23.75 -21.00 -5.92
CA GLN D 173 -24.70 -20.02 -5.31
C GLN D 173 -26.07 -20.67 -5.08
N PRO D 174 -26.62 -20.57 -3.85
CA PRO D 174 -28.02 -20.92 -3.62
C PRO D 174 -28.94 -20.19 -4.60
N LEU D 175 -29.94 -20.90 -5.13
CA LEU D 175 -30.99 -20.44 -6.08
C LEU D 175 -32.19 -19.88 -5.28
N LYS D 176 -32.98 -18.95 -5.83
CA LYS D 176 -34.12 -18.36 -5.08
C LYS D 176 -35.38 -19.17 -5.41
N GLU D 177 -36.13 -19.55 -4.38
CA GLU D 177 -37.41 -20.31 -4.50
C GLU D 177 -38.53 -19.38 -4.96
N GLN D 178 -38.34 -18.07 -4.77
CA GLN D 178 -39.31 -17.04 -5.22
C GLN D 178 -38.56 -15.77 -5.63
N PRO D 179 -38.00 -15.67 -6.85
CA PRO D 179 -37.09 -14.59 -7.21
C PRO D 179 -37.72 -13.18 -7.25
N ALA D 180 -39.05 -13.07 -7.16
CA ALA D 180 -39.75 -11.79 -6.90
C ALA D 180 -39.29 -11.24 -5.55
N LEU D 181 -39.75 -11.86 -4.46
CA LEU D 181 -39.49 -11.44 -3.06
C LEU D 181 -38.01 -11.09 -2.88
N ASN D 182 -37.74 -10.03 -2.12
CA ASN D 182 -36.37 -9.60 -1.72
C ASN D 182 -35.85 -10.52 -0.61
N ASP D 183 -36.77 -11.11 0.16
CA ASP D 183 -36.49 -11.99 1.33
C ASP D 183 -36.87 -13.45 0.96
N SER D 184 -36.82 -13.80 -0.33
CA SER D 184 -37.04 -15.18 -0.83
C SER D 184 -36.17 -16.15 -0.03
N ARG D 185 -36.70 -17.31 0.28
CA ARG D 185 -35.92 -18.47 0.79
C ARG D 185 -35.17 -19.09 -0.38
N TYR D 186 -34.16 -19.89 -0.06
CA TYR D 186 -33.17 -20.41 -1.04
C TYR D 186 -33.22 -21.95 -1.09
N ALA D 187 -32.69 -22.49 -2.18
CA ALA D 187 -32.41 -23.92 -2.38
C ALA D 187 -30.96 -24.08 -2.88
N LEU D 188 -30.34 -25.19 -2.53
CA LEU D 188 -29.00 -25.55 -3.02
C LEU D 188 -28.98 -27.05 -3.37
N SER D 189 -28.40 -27.41 -4.53
CA SER D 189 -28.26 -28.82 -4.96
C SER D 189 -26.77 -29.18 -4.99
N SER D 190 -26.47 -30.45 -4.72
CA SER D 190 -25.12 -31.07 -4.83
C SER D 190 -25.26 -32.49 -5.39
N ARG D 191 -24.25 -32.93 -6.16
CA ARG D 191 -24.13 -34.32 -6.66
C ARG D 191 -22.89 -34.96 -6.06
N LEU D 192 -23.00 -36.24 -5.73
CA LEU D 192 -21.85 -37.13 -5.47
C LEU D 192 -21.97 -38.29 -6.45
N ARG D 193 -20.99 -38.45 -7.33
CA ARG D 193 -20.99 -39.56 -8.31
C ARG D 193 -19.94 -40.57 -7.88
N VAL D 194 -20.35 -41.82 -7.75
CA VAL D 194 -19.49 -42.97 -7.42
C VAL D 194 -19.69 -44.03 -8.51
N SER D 195 -18.87 -45.06 -8.52
CA SER D 195 -19.02 -46.20 -9.44
C SER D 195 -20.29 -46.94 -9.04
N ALA D 196 -20.92 -47.63 -9.98
CA ALA D 196 -22.12 -48.47 -9.71
C ALA D 196 -21.77 -49.49 -8.64
N THR D 197 -20.59 -50.11 -8.74
CA THR D 197 -20.10 -51.14 -7.78
C THR D 197 -20.04 -50.54 -6.36
N PHE D 198 -19.52 -49.32 -6.22
CA PHE D 198 -19.39 -48.65 -4.91
C PHE D 198 -20.80 -48.40 -4.32
N TRP D 199 -21.72 -47.89 -5.15
CA TRP D 199 -23.13 -47.65 -4.75
C TRP D 199 -23.79 -49.00 -4.39
N GLN D 200 -23.38 -50.11 -5.01
CA GLN D 200 -24.10 -51.40 -4.84
C GLN D 200 -23.66 -52.11 -3.56
N ASP D 201 -22.61 -51.63 -2.90
CA ASP D 201 -22.07 -52.26 -1.67
C ASP D 201 -22.88 -51.78 -0.47
N PRO D 202 -23.67 -52.64 0.21
CA PRO D 202 -24.49 -52.20 1.32
C PRO D 202 -23.67 -51.84 2.58
N ARG D 203 -22.34 -52.01 2.53
CA ARG D 203 -21.40 -51.58 3.59
C ARG D 203 -21.15 -50.07 3.50
N ASN D 204 -21.65 -49.42 2.44
CA ASN D 204 -21.41 -47.97 2.15
C ASN D 204 -22.61 -47.11 2.53
N HIS D 205 -22.40 -46.21 3.50
CA HIS D 205 -23.39 -45.25 4.06
C HIS D 205 -23.07 -43.86 3.52
N PHE D 206 -24.06 -43.22 2.89
CA PHE D 206 -23.92 -41.89 2.24
C PHE D 206 -24.72 -40.87 3.05
N ARG D 207 -24.12 -39.70 3.27
CA ARG D 207 -24.65 -38.67 4.19
C ARG D 207 -24.37 -37.29 3.59
N CYS D 208 -25.44 -36.54 3.37
CA CYS D 208 -25.40 -35.09 3.05
C CYS D 208 -25.63 -34.29 4.35
N GLN D 209 -24.63 -33.50 4.76
CA GLN D 209 -24.68 -32.56 5.93
C GLN D 209 -24.76 -31.13 5.43
N VAL D 210 -25.75 -30.37 5.89
CA VAL D 210 -25.83 -28.91 5.63
C VAL D 210 -25.71 -28.18 6.96
N GLN D 211 -24.56 -27.52 7.16
CA GLN D 211 -24.36 -26.59 8.30
C GLN D 211 -25.08 -25.30 7.94
N PHE D 212 -26.15 -24.98 8.67
CA PHE D 212 -26.90 -23.71 8.52
C PHE D 212 -26.47 -22.75 9.63
N TYR D 213 -26.41 -21.46 9.31
CA TYR D 213 -26.12 -20.34 10.23
C TYR D 213 -27.37 -19.46 10.32
N GLY D 214 -27.96 -19.41 11.52
CA GLY D 214 -29.16 -18.59 11.81
C GLY D 214 -29.08 -17.97 13.19
N LEU D 215 -30.16 -18.04 13.97
CA LEU D 215 -30.22 -17.39 15.29
C LEU D 215 -29.33 -18.15 16.27
N SER D 216 -29.05 -17.50 17.39
CA SER D 216 -28.38 -18.05 18.58
C SER D 216 -29.46 -18.64 19.47
N GLU D 217 -29.13 -19.74 20.17
CA GLU D 217 -29.92 -20.25 21.31
C GLU D 217 -30.29 -19.11 22.26
N ASN D 218 -29.50 -18.04 22.35
CA ASN D 218 -29.79 -16.87 23.22
C ASN D 218 -30.93 -16.02 22.68
N ASP D 219 -31.33 -16.12 21.42
CA ASP D 219 -32.27 -15.15 20.82
C ASP D 219 -33.70 -15.44 21.29
N GLU D 220 -34.45 -14.37 21.53
CA GLU D 220 -35.91 -14.41 21.78
C GLU D 220 -36.59 -15.03 20.54
N TRP D 221 -37.70 -15.72 20.76
CA TRP D 221 -38.50 -16.40 19.70
C TRP D 221 -39.94 -16.60 20.16
N THR D 222 -40.90 -16.10 19.40
CA THR D 222 -42.35 -16.14 19.74
C THR D 222 -43.16 -16.69 18.58
N GLN D 223 -42.54 -17.40 17.64
CA GLN D 223 -43.28 -18.19 16.63
C GLN D 223 -43.49 -19.58 17.24
N ASP D 224 -44.53 -20.27 16.70
CA ASP D 224 -44.84 -21.67 17.05
C ASP D 224 -43.70 -22.59 16.62
N ARG D 225 -43.16 -22.37 15.41
CA ARG D 225 -42.10 -23.24 14.82
C ARG D 225 -40.83 -23.16 15.69
N ALA D 226 -40.02 -24.21 15.65
CA ALA D 226 -38.69 -24.31 16.29
C ALA D 226 -37.88 -23.05 15.96
N LYS D 227 -37.19 -22.50 16.97
CA LYS D 227 -36.24 -21.37 16.80
C LYS D 227 -35.23 -21.78 15.72
N PRO D 228 -35.08 -20.98 14.62
CA PRO D 228 -34.21 -21.34 13.49
C PRO D 228 -32.73 -21.03 13.76
N VAL D 229 -32.18 -21.73 14.76
CA VAL D 229 -30.80 -21.54 15.25
C VAL D 229 -29.81 -22.14 14.26
N THR D 230 -28.56 -21.68 14.29
CA THR D 230 -27.40 -22.37 13.69
C THR D 230 -27.55 -23.86 14.03
N GLN D 231 -27.47 -24.73 13.04
CA GLN D 231 -27.74 -26.18 13.21
C GLN D 231 -27.27 -26.92 11.97
N ILE D 232 -26.91 -28.18 12.16
CA ILE D 232 -26.64 -29.14 11.05
C ILE D 232 -27.93 -29.90 10.75
N VAL D 233 -28.37 -29.86 9.50
CA VAL D 233 -29.49 -30.69 8.99
C VAL D 233 -28.87 -31.66 7.99
N SER D 234 -29.19 -32.94 8.10
CA SER D 234 -28.60 -33.95 7.18
C SER D 234 -29.65 -34.99 6.76
N ALA D 235 -29.41 -35.64 5.63
CA ALA D 235 -30.16 -36.81 5.14
C ALA D 235 -29.15 -37.89 4.75
N GLU D 236 -29.60 -39.13 4.54
CA GLU D 236 -28.68 -40.25 4.31
C GLU D 236 -29.33 -41.27 3.38
N ALA D 237 -28.49 -42.05 2.71
CA ALA D 237 -28.88 -43.25 1.92
C ALA D 237 -27.82 -44.35 2.13
N TRP D 238 -28.23 -45.62 2.11
CA TRP D 238 -27.30 -46.78 2.14
C TRP D 238 -27.22 -47.41 0.76
N GLY D 239 -26.01 -47.79 0.36
CA GLY D 239 -25.75 -48.64 -0.82
C GLY D 239 -26.57 -49.92 -0.80
N ARG D 240 -26.78 -50.49 -1.99
CA ARG D 240 -27.77 -51.57 -2.23
C ARG D 240 -27.50 -52.20 -3.60
N ALA D 241 -27.34 -53.53 -3.66
CA ALA D 241 -27.39 -54.32 -4.90
C ALA D 241 -28.79 -54.21 -5.49
N ASP D 242 -28.93 -53.84 -6.77
CA ASP D 242 -30.22 -53.84 -7.52
C ASP D 242 -30.23 -52.70 -8.53
#